data_2R0G
#
_entry.id   2R0G
#
_cell.length_a   64.892
_cell.length_b   78.437
_cell.length_c   123.625
_cell.angle_alpha   90.00
_cell.angle_beta   99.61
_cell.angle_gamma   90.00
#
_symmetry.space_group_name_H-M   'P 1 21 1'
#
loop_
_entity.id
_entity.type
_entity.pdbx_description
1 polymer RebC
2 non-polymer 'FLAVIN-ADENINE DINUCLEOTIDE'
3 non-polymer 7-carboxy-5-hydroxy-12,13-dihydro-6H-indolo[2,3-a]pyrrolo[3,4-c]carbazole
4 water water
#
_entity_poly.entity_id   1
_entity_poly.type   'polypeptide(L)'
_entity_poly.pdbx_seq_one_letter_code
;MGSSHHHHHHSSGLVPRGSHMNAPIETDVLILGGGPVGMALALDLAHRQVGHLVVEQTDGTITHPRVGTIGPRSMELFRR
WGVAKQIRTAGWPGDHPLDAAWVTRVGGHEVYRIPLGTADTRATPEHTPEPDAICPQHWLAPLLAEAVGERLRTRSRLDS
FEQRDDHVRATITDLRTGATRAVHARYLVACDGASSPTRKALGIDAPPRHRTQVFRNILFRAPELRSLLGERAALFFFLM
LSSSLRFPLRALDGRGLYRLTVGVDDASKSTMDSFELVRRAVAFDTEIEVLSDSEWHLTHRVADSFSAGRVFLTGDAAHT
LSPSGGFGMNTGIGSAADLGWKLAATLRGWAGPGLLATYEEERRPVAITSLEEANVNLRRTMDRELPPGLHDDGPRGERI
RAAVAEKLERSGARREFDAPGIHFGHTYRSSIVCGEPETEVATGGWRPSARPGARAPHAWLTPTTSTLDLFGRGFVLLSF
GTTDGVEAVTRAFADRHVPLETVTCHAPEIHALYERAHVLVRPDGHVAWRGDHLPAELGGLVDKVRGAA
;
_entity_poly.pdbx_strand_id   A,B
#
# COMPACT_ATOMS: atom_id res chain seq x y z
N ALA A 23 -22.07 10.58 49.77
CA ALA A 23 -21.66 9.21 50.21
C ALA A 23 -21.03 8.42 49.05
N PRO A 24 -19.70 8.49 48.91
CA PRO A 24 -18.95 7.80 47.85
C PRO A 24 -19.14 6.29 47.89
N ILE A 25 -19.57 5.71 46.76
CA ILE A 25 -19.78 4.27 46.67
C ILE A 25 -18.46 3.53 46.48
N GLU A 26 -18.33 2.38 47.13
CA GLU A 26 -17.12 1.59 47.04
C GLU A 26 -17.37 0.15 46.63
N THR A 27 -16.53 -0.35 45.73
CA THR A 27 -16.62 -1.72 45.26
C THR A 27 -15.19 -2.18 44.96
N ASP A 28 -14.99 -3.49 44.90
CA ASP A 28 -13.65 -4.01 44.64
C ASP A 28 -13.16 -3.71 43.23
N VAL A 29 -14.04 -3.85 42.25
CA VAL A 29 -13.64 -3.59 40.88
C VAL A 29 -14.65 -2.76 40.12
N LEU A 30 -14.16 -1.65 39.55
CA LEU A 30 -14.99 -0.77 38.76
C LEU A 30 -14.71 -1.07 37.29
N ILE A 31 -15.75 -1.49 36.59
CA ILE A 31 -15.66 -1.84 35.18
C ILE A 31 -16.17 -0.70 34.29
N LEU A 32 -15.25 -0.08 33.57
CA LEU A 32 -15.60 1.02 32.68
C LEU A 32 -15.91 0.42 31.31
N GLY A 33 -17.21 0.31 31.00
CA GLY A 33 -17.62 -0.26 29.72
C GLY A 33 -18.67 -1.36 29.82
N GLY A 34 -19.82 -1.14 29.22
CA GLY A 34 -20.90 -2.12 29.25
C GLY A 34 -21.03 -2.93 27.95
N GLY A 35 -19.98 -2.91 27.15
CA GLY A 35 -19.99 -3.67 25.91
C GLY A 35 -19.74 -5.15 26.16
N PRO A 36 -19.60 -5.97 25.11
CA PRO A 36 -19.36 -7.40 25.22
C PRO A 36 -18.24 -7.78 26.22
N VAL A 37 -17.07 -7.19 26.05
CA VAL A 37 -15.94 -7.49 26.92
C VAL A 37 -16.11 -7.12 28.39
N GLY A 38 -16.68 -5.95 28.67
CA GLY A 38 -16.88 -5.54 30.06
C GLY A 38 -17.91 -6.42 30.78
N MET A 39 -18.90 -6.89 30.04
CA MET A 39 -19.93 -7.76 30.61
C MET A 39 -19.35 -9.14 30.91
N ALA A 40 -18.47 -9.62 30.04
CA ALA A 40 -17.84 -10.91 30.26
C ALA A 40 -17.01 -10.81 31.53
N LEU A 41 -16.25 -9.72 31.66
CA LEU A 41 -15.44 -9.55 32.87
C LEU A 41 -16.35 -9.51 34.09
N ALA A 42 -17.54 -8.90 33.96
CA ALA A 42 -18.47 -8.84 35.08
C ALA A 42 -18.95 -10.26 35.41
N LEU A 43 -19.17 -11.07 34.38
CA LEU A 43 -19.63 -12.44 34.59
C LEU A 43 -18.57 -13.28 35.30
N ASP A 44 -17.31 -13.03 34.98
CA ASP A 44 -16.22 -13.79 35.60
C ASP A 44 -16.02 -13.42 37.07
N LEU A 45 -16.09 -12.12 37.37
CA LEU A 45 -15.94 -11.66 38.75
C LEU A 45 -17.12 -12.18 39.56
N ALA A 46 -18.31 -12.15 38.95
CA ALA A 46 -19.52 -12.63 39.61
C ALA A 46 -19.36 -14.09 40.01
N HIS A 47 -18.84 -14.90 39.10
CA HIS A 47 -18.65 -16.31 39.40
C HIS A 47 -17.48 -16.59 40.34
N ARG A 48 -16.78 -15.53 40.76
CA ARG A 48 -15.65 -15.70 41.68
C ARG A 48 -15.88 -14.93 42.99
N GLN A 49 -17.14 -14.55 43.22
CA GLN A 49 -17.53 -13.84 44.43
C GLN A 49 -16.86 -12.47 44.57
N VAL A 50 -16.55 -11.82 43.46
CA VAL A 50 -15.92 -10.52 43.53
C VAL A 50 -16.95 -9.40 43.30
N GLY A 51 -17.06 -8.53 44.30
CA GLY A 51 -17.99 -7.39 44.21
C GLY A 51 -17.52 -6.53 43.07
N HIS A 52 -18.45 -6.13 42.19
CA HIS A 52 -18.09 -5.33 41.03
C HIS A 52 -19.21 -4.40 40.63
N LEU A 53 -18.91 -3.50 39.71
CA LEU A 53 -19.89 -2.54 39.24
C LEU A 53 -19.58 -2.13 37.80
N VAL A 54 -20.60 -2.17 36.94
CA VAL A 54 -20.39 -1.80 35.54
C VAL A 54 -21.07 -0.48 35.16
N VAL A 55 -20.35 0.39 34.48
CA VAL A 55 -20.93 1.64 34.03
C VAL A 55 -20.89 1.73 32.50
N GLU A 56 -22.07 1.93 31.91
CA GLU A 56 -22.23 2.07 30.45
C GLU A 56 -22.87 3.43 30.15
N GLN A 57 -22.21 4.27 29.34
CA GLN A 57 -22.73 5.59 29.01
C GLN A 57 -24.02 5.57 28.20
N THR A 58 -24.20 4.55 27.35
CA THR A 58 -25.42 4.45 26.57
C THR A 58 -26.48 3.80 27.43
N ASP A 59 -27.71 3.73 26.91
CA ASP A 59 -28.82 3.13 27.64
C ASP A 59 -28.81 1.60 27.52
N GLY A 60 -27.76 1.06 26.89
CA GLY A 60 -27.63 -0.38 26.75
C GLY A 60 -28.35 -1.12 25.64
N THR A 61 -29.10 -0.41 24.80
CA THR A 61 -29.82 -1.05 23.69
C THR A 61 -28.96 -0.97 22.45
N ILE A 62 -29.21 -1.85 21.49
CA ILE A 62 -28.44 -1.87 20.25
C ILE A 62 -29.33 -1.55 19.04
N THR A 63 -28.89 -0.59 18.22
CA THR A 63 -29.62 -0.19 17.02
C THR A 63 -28.89 -0.70 15.78
N HIS A 64 -27.55 -0.76 15.85
CA HIS A 64 -26.77 -1.27 14.74
C HIS A 64 -25.76 -2.33 15.23
N PRO A 65 -26.16 -3.61 15.16
CA PRO A 65 -25.38 -4.79 15.57
C PRO A 65 -24.00 -4.88 14.95
N ARG A 66 -22.97 -5.01 15.78
CA ARG A 66 -21.63 -5.14 15.24
C ARG A 66 -21.20 -6.62 15.22
N VAL A 67 -21.11 -7.25 16.39
CA VAL A 67 -20.71 -8.65 16.45
C VAL A 67 -21.86 -9.59 16.08
N GLY A 68 -21.53 -10.64 15.34
CA GLY A 68 -22.53 -11.61 14.95
C GLY A 68 -22.11 -13.04 15.28
N THR A 69 -20.81 -13.30 15.25
CA THR A 69 -20.30 -14.63 15.53
C THR A 69 -19.61 -14.73 16.89
N ILE A 70 -20.08 -15.66 17.71
CA ILE A 70 -19.47 -15.88 19.00
C ILE A 70 -18.52 -17.08 18.79
N GLY A 71 -17.22 -16.85 18.93
CA GLY A 71 -16.24 -17.90 18.74
C GLY A 71 -16.38 -19.05 19.74
N PRO A 72 -15.89 -20.24 19.41
CA PRO A 72 -16.02 -21.38 20.34
C PRO A 72 -15.39 -21.15 21.71
N ARG A 73 -14.18 -20.60 21.77
CA ARG A 73 -13.57 -20.38 23.07
C ARG A 73 -14.49 -19.48 23.92
N SER A 74 -15.10 -18.47 23.31
CA SER A 74 -15.98 -17.58 24.04
C SER A 74 -17.19 -18.38 24.53
N MET A 75 -17.68 -19.27 23.68
CA MET A 75 -18.83 -20.11 24.02
C MET A 75 -18.52 -21.04 25.18
N GLU A 76 -17.26 -21.49 25.30
CA GLU A 76 -16.89 -22.37 26.40
C GLU A 76 -16.96 -21.59 27.72
N LEU A 77 -16.50 -20.35 27.68
CA LEU A 77 -16.54 -19.51 28.87
C LEU A 77 -17.99 -19.16 29.20
N PHE A 78 -18.85 -19.05 28.18
CA PHE A 78 -20.26 -18.75 28.45
C PHE A 78 -20.96 -19.99 29.00
N ARG A 79 -20.44 -21.16 28.64
CA ARG A 79 -20.97 -22.43 29.12
C ARG A 79 -20.75 -22.43 30.63
N ARG A 80 -19.54 -22.09 31.04
CA ARG A 80 -19.21 -22.00 32.46
C ARG A 80 -20.10 -20.97 33.14
N TRP A 81 -20.29 -19.80 32.52
CA TRP A 81 -21.12 -18.77 33.13
C TRP A 81 -22.63 -19.02 33.02
N GLY A 82 -23.02 -20.12 32.40
CA GLY A 82 -24.45 -20.43 32.30
C GLY A 82 -25.33 -19.69 31.32
N VAL A 83 -24.74 -19.09 30.29
CA VAL A 83 -25.52 -18.37 29.29
C VAL A 83 -25.39 -18.93 27.87
N ALA A 84 -24.56 -19.96 27.69
CA ALA A 84 -24.37 -20.55 26.37
C ALA A 84 -25.68 -20.97 25.70
N LYS A 85 -26.47 -21.75 26.43
CA LYS A 85 -27.75 -22.23 25.92
C LYS A 85 -28.72 -21.14 25.48
N GLN A 86 -28.86 -20.07 26.25
CA GLN A 86 -29.75 -19.00 25.86
C GLN A 86 -29.23 -18.32 24.62
N ILE A 87 -27.90 -18.25 24.49
CA ILE A 87 -27.28 -17.64 23.31
C ILE A 87 -27.66 -18.41 22.04
N ARG A 88 -27.62 -19.75 22.08
CA ARG A 88 -27.95 -20.59 20.90
C ARG A 88 -29.42 -20.62 20.48
N THR A 89 -30.32 -20.39 21.43
CA THR A 89 -31.75 -20.40 21.14
C THR A 89 -32.28 -18.96 21.07
N ALA A 90 -31.37 -17.99 21.00
CA ALA A 90 -31.75 -16.58 20.94
C ALA A 90 -32.55 -16.21 19.71
N GLY A 91 -32.54 -17.07 18.68
CA GLY A 91 -33.31 -16.76 17.50
C GLY A 91 -32.73 -17.14 16.16
N TRP A 92 -31.42 -17.41 16.09
CA TRP A 92 -30.81 -17.80 14.83
C TRP A 92 -31.44 -19.11 14.41
N PRO A 93 -31.99 -19.18 13.18
CA PRO A 93 -32.65 -20.38 12.64
C PRO A 93 -31.71 -21.58 12.52
N GLY A 94 -32.14 -22.72 13.03
CA GLY A 94 -31.32 -23.91 12.97
C GLY A 94 -31.15 -24.50 11.58
N ASP A 95 -31.98 -24.04 10.65
CA ASP A 95 -31.92 -24.53 9.28
C ASP A 95 -31.25 -23.56 8.31
N HIS A 96 -30.80 -22.42 8.81
CA HIS A 96 -30.15 -21.43 7.94
C HIS A 96 -28.70 -21.83 7.69
N PRO A 97 -28.27 -21.72 6.42
CA PRO A 97 -26.89 -22.07 6.04
C PRO A 97 -25.85 -21.18 6.70
N LEU A 98 -24.71 -21.77 7.01
CA LEU A 98 -23.61 -21.07 7.64
C LEU A 98 -22.49 -20.85 6.62
N ASP A 99 -22.75 -21.24 5.37
CA ASP A 99 -21.77 -21.11 4.29
C ASP A 99 -21.30 -19.69 3.99
N ALA A 100 -20.11 -19.62 3.40
CA ALA A 100 -19.49 -18.37 2.97
C ALA A 100 -19.32 -18.55 1.45
N ALA A 101 -19.72 -17.56 0.68
CA ALA A 101 -19.60 -17.70 -0.77
C ALA A 101 -19.16 -16.43 -1.48
N TRP A 102 -18.26 -16.60 -2.44
CA TRP A 102 -17.75 -15.52 -3.25
C TRP A 102 -18.64 -15.41 -4.49
N VAL A 103 -19.26 -14.26 -4.67
CA VAL A 103 -20.16 -14.03 -5.79
C VAL A 103 -19.93 -12.66 -6.41
N THR A 104 -20.36 -12.49 -7.66
CA THR A 104 -20.20 -11.21 -8.34
C THR A 104 -21.22 -10.26 -7.74
N ARG A 105 -22.39 -10.80 -7.42
CA ARG A 105 -23.48 -10.05 -6.81
C ARG A 105 -24.38 -11.08 -6.16
N VAL A 106 -25.13 -10.68 -5.15
CA VAL A 106 -26.05 -11.60 -4.50
C VAL A 106 -27.16 -11.84 -5.50
N GLY A 107 -27.29 -13.08 -5.97
CA GLY A 107 -28.30 -13.40 -6.96
C GLY A 107 -27.67 -13.36 -8.34
N GLY A 108 -26.39 -13.00 -8.38
CA GLY A 108 -25.67 -12.94 -9.64
C GLY A 108 -25.00 -14.27 -9.95
N HIS A 109 -23.69 -14.27 -10.14
CA HIS A 109 -22.94 -15.50 -10.45
C HIS A 109 -22.05 -16.02 -9.31
N GLU A 110 -22.21 -17.29 -8.97
CA GLU A 110 -21.38 -17.90 -7.92
C GLU A 110 -19.96 -18.08 -8.47
N VAL A 111 -18.96 -17.96 -7.60
CA VAL A 111 -17.58 -18.12 -8.02
C VAL A 111 -16.89 -19.17 -7.14
N TYR A 112 -17.26 -19.22 -5.87
CA TYR A 112 -16.66 -20.18 -4.95
C TYR A 112 -17.44 -20.22 -3.65
N ARG A 113 -17.78 -21.42 -3.21
CA ARG A 113 -18.54 -21.59 -1.98
C ARG A 113 -17.88 -22.56 -1.00
N ILE A 114 -17.98 -22.22 0.27
CA ILE A 114 -17.45 -23.06 1.32
C ILE A 114 -18.66 -23.49 2.14
N PRO A 115 -19.12 -24.73 1.94
CA PRO A 115 -20.28 -25.29 2.65
C PRO A 115 -19.97 -25.57 4.13
N LEU A 116 -20.80 -25.04 5.01
CA LEU A 116 -20.60 -25.22 6.44
C LEU A 116 -21.81 -25.71 7.21
N GLY A 117 -22.76 -26.30 6.48
CA GLY A 117 -23.97 -26.84 7.09
C GLY A 117 -24.88 -25.81 7.72
N THR A 118 -25.66 -26.25 8.69
CA THR A 118 -26.59 -25.42 9.43
C THR A 118 -26.39 -25.78 10.89
N ALA A 119 -26.91 -24.98 11.81
CA ALA A 119 -26.75 -25.27 13.24
C ALA A 119 -27.20 -26.70 13.61
N ASP A 120 -28.42 -27.06 13.23
CA ASP A 120 -28.95 -28.39 13.54
C ASP A 120 -28.39 -29.50 12.66
N THR A 121 -27.58 -29.14 11.66
CA THR A 121 -27.06 -30.13 10.72
C THR A 121 -25.59 -30.51 10.75
N ARG A 122 -24.72 -29.55 10.99
CA ARG A 122 -23.28 -29.82 11.00
C ARG A 122 -22.88 -30.88 12.02
N ALA A 123 -21.75 -31.51 11.77
CA ALA A 123 -21.23 -32.54 12.67
C ALA A 123 -20.69 -31.98 13.98
N THR A 124 -20.85 -32.75 15.05
CA THR A 124 -20.37 -32.37 16.37
C THR A 124 -18.86 -32.19 16.33
N PRO A 125 -18.37 -31.06 16.86
CA PRO A 125 -16.92 -30.84 16.86
C PRO A 125 -16.24 -31.79 17.85
N GLU A 126 -14.96 -32.07 17.62
CA GLU A 126 -14.25 -32.99 18.51
C GLU A 126 -13.25 -32.31 19.43
N HIS A 127 -12.87 -31.09 19.10
CA HIS A 127 -11.90 -30.36 19.89
C HIS A 127 -12.56 -29.47 20.95
N THR A 128 -13.89 -29.46 20.97
CA THR A 128 -14.60 -28.62 21.92
C THR A 128 -16.04 -29.06 22.22
N PRO A 129 -16.55 -28.66 23.39
CA PRO A 129 -17.92 -29.02 23.77
C PRO A 129 -18.90 -27.94 23.28
N GLU A 130 -18.37 -26.77 22.95
CA GLU A 130 -19.21 -25.65 22.49
C GLU A 130 -18.77 -25.05 21.15
N PRO A 131 -19.39 -25.47 20.02
CA PRO A 131 -18.96 -24.88 18.76
C PRO A 131 -19.35 -23.40 18.74
N ASP A 132 -19.02 -22.70 17.64
CA ASP A 132 -19.35 -21.29 17.57
C ASP A 132 -20.85 -21.11 17.39
N ALA A 133 -21.33 -19.90 17.64
CA ALA A 133 -22.75 -19.62 17.53
C ALA A 133 -22.96 -18.33 16.75
N ILE A 134 -24.17 -18.15 16.22
CA ILE A 134 -24.51 -16.94 15.52
C ILE A 134 -25.45 -16.18 16.45
N CYS A 135 -25.07 -14.98 16.88
CA CYS A 135 -25.93 -14.22 17.77
C CYS A 135 -25.65 -12.74 17.58
N PRO A 136 -26.43 -12.07 16.71
CA PRO A 136 -26.24 -10.64 16.46
C PRO A 136 -26.29 -9.89 17.79
N GLN A 137 -25.52 -8.83 17.90
CA GLN A 137 -25.44 -8.08 19.15
C GLN A 137 -26.74 -7.58 19.78
N HIS A 138 -27.77 -7.32 18.99
CA HIS A 138 -29.03 -6.85 19.56
C HIS A 138 -29.74 -7.97 20.33
N TRP A 139 -29.27 -9.19 20.16
CA TRP A 139 -29.84 -10.33 20.87
C TRP A 139 -28.92 -10.66 22.03
N LEU A 140 -27.63 -10.54 21.80
CA LEU A 140 -26.63 -10.84 22.83
C LEU A 140 -26.62 -9.86 23.99
N ALA A 141 -26.86 -8.58 23.72
CA ALA A 141 -26.86 -7.59 24.81
C ALA A 141 -27.91 -7.87 25.90
N PRO A 142 -29.17 -8.13 25.51
CA PRO A 142 -30.23 -8.41 26.49
C PRO A 142 -29.92 -9.65 27.32
N LEU A 143 -29.30 -10.63 26.66
CA LEU A 143 -28.93 -11.87 27.33
C LEU A 143 -27.88 -11.57 28.38
N LEU A 144 -26.86 -10.81 28.00
CA LEU A 144 -25.79 -10.47 28.90
C LEU A 144 -26.28 -9.57 30.04
N ALA A 145 -27.05 -8.54 29.72
CA ALA A 145 -27.54 -7.64 30.74
C ALA A 145 -28.31 -8.42 31.82
N GLU A 146 -29.14 -9.35 31.40
CA GLU A 146 -29.92 -10.14 32.35
C GLU A 146 -29.07 -11.06 33.23
N ALA A 147 -27.93 -11.51 32.71
CA ALA A 147 -27.05 -12.36 33.50
C ALA A 147 -26.29 -11.49 34.52
N VAL A 148 -25.76 -10.36 34.07
CA VAL A 148 -25.03 -9.47 34.95
C VAL A 148 -25.98 -8.82 35.97
N GLY A 149 -27.25 -8.73 35.60
CA GLY A 149 -28.26 -8.18 36.49
C GLY A 149 -28.08 -6.77 37.04
N GLU A 150 -28.53 -6.61 38.28
CA GLU A 150 -28.51 -5.34 39.01
C GLU A 150 -27.20 -4.56 38.97
N ARG A 151 -26.08 -5.26 38.97
CA ARG A 151 -24.79 -4.58 38.98
C ARG A 151 -24.40 -3.77 37.74
N LEU A 152 -25.27 -3.72 36.74
CA LEU A 152 -24.99 -2.95 35.54
C LEU A 152 -25.69 -1.59 35.66
N ARG A 153 -24.96 -0.51 35.44
CA ARG A 153 -25.55 0.82 35.51
C ARG A 153 -25.44 1.51 34.14
N THR A 154 -26.57 1.69 33.48
CA THR A 154 -26.60 2.34 32.17
C THR A 154 -26.75 3.86 32.23
N ARG A 155 -26.40 4.51 31.13
CA ARG A 155 -26.47 5.96 31.01
C ARG A 155 -25.57 6.62 32.07
N SER A 156 -24.41 6.02 32.28
CA SER A 156 -23.46 6.52 33.26
C SER A 156 -22.09 6.65 32.62
N ARG A 157 -21.56 7.86 32.59
CA ARG A 157 -20.27 8.10 31.97
C ARG A 157 -19.16 8.49 32.95
N LEU A 158 -18.04 7.77 32.86
CA LEU A 158 -16.90 8.04 33.71
C LEU A 158 -16.13 9.19 33.08
N ASP A 159 -16.01 10.31 33.79
CA ASP A 159 -15.33 11.49 33.26
C ASP A 159 -13.83 11.53 33.53
N SER A 160 -13.44 11.16 34.74
CA SER A 160 -12.02 11.18 35.08
C SER A 160 -11.74 10.24 36.24
N PHE A 161 -10.46 9.98 36.47
CA PHE A 161 -10.03 9.11 37.56
C PHE A 161 -8.68 9.55 38.14
N GLU A 162 -8.55 9.42 39.45
CA GLU A 162 -7.32 9.78 40.15
C GLU A 162 -6.88 8.57 40.97
N GLN A 163 -5.65 8.13 40.74
CA GLN A 163 -5.12 6.97 41.44
C GLN A 163 -4.57 7.38 42.80
N ARG A 164 -5.10 6.78 43.85
CA ARG A 164 -4.61 7.06 45.19
C ARG A 164 -3.73 5.91 45.65
N ASP A 165 -3.46 5.85 46.94
CA ASP A 165 -2.59 4.82 47.49
C ASP A 165 -3.11 3.38 47.32
N ASP A 166 -4.26 3.09 47.91
CA ASP A 166 -4.81 1.73 47.82
C ASP A 166 -6.13 1.60 47.08
N HIS A 167 -6.44 2.56 46.21
CA HIS A 167 -7.67 2.53 45.43
C HIS A 167 -7.68 3.60 44.33
N VAL A 168 -8.71 3.58 43.49
CA VAL A 168 -8.84 4.54 42.41
C VAL A 168 -10.12 5.33 42.61
N ARG A 169 -10.04 6.65 42.41
CA ARG A 169 -11.20 7.52 42.58
C ARG A 169 -11.68 8.01 41.21
N ALA A 170 -12.95 7.75 40.91
CA ALA A 170 -13.51 8.18 39.63
C ALA A 170 -14.82 8.92 39.76
N THR A 171 -15.02 9.88 38.86
CA THR A 171 -16.23 10.68 38.85
C THR A 171 -17.13 10.22 37.72
N ILE A 172 -18.30 9.69 38.08
CA ILE A 172 -19.28 9.17 37.12
C ILE A 172 -20.49 10.09 36.97
N THR A 173 -20.70 10.59 35.75
CA THR A 173 -21.85 11.45 35.48
C THR A 173 -23.09 10.63 35.12
N ASP A 174 -24.14 10.73 35.92
CA ASP A 174 -25.38 10.04 35.64
C ASP A 174 -26.01 10.81 34.47
N LEU A 175 -25.85 10.31 33.26
CA LEU A 175 -26.37 10.97 32.06
C LEU A 175 -27.87 11.19 32.07
N ARG A 176 -28.58 10.51 32.97
CA ARG A 176 -30.03 10.67 33.06
C ARG A 176 -30.40 12.02 33.70
N THR A 177 -30.09 12.16 34.98
CA THR A 177 -30.39 13.38 35.75
C THR A 177 -29.36 14.50 35.62
N GLY A 178 -28.13 14.15 35.26
CA GLY A 178 -27.08 15.15 35.12
C GLY A 178 -26.21 15.19 36.37
N ALA A 179 -26.64 14.49 37.40
CA ALA A 179 -25.90 14.44 38.66
C ALA A 179 -24.60 13.66 38.52
N THR A 180 -23.61 14.02 39.32
CA THR A 180 -22.31 13.35 39.29
C THR A 180 -22.09 12.65 40.62
N ARG A 181 -21.62 11.42 40.57
CA ARG A 181 -21.35 10.66 41.78
C ARG A 181 -19.90 10.19 41.75
N ALA A 182 -19.38 9.79 42.91
CA ALA A 182 -18.00 9.34 42.98
C ALA A 182 -17.95 7.87 43.38
N VAL A 183 -17.00 7.15 42.79
CA VAL A 183 -16.83 5.74 43.09
C VAL A 183 -15.38 5.44 43.42
N HIS A 184 -15.18 4.83 44.58
CA HIS A 184 -13.86 4.44 45.04
C HIS A 184 -13.79 2.93 44.95
N ALA A 185 -12.86 2.44 44.14
CA ALA A 185 -12.70 1.01 43.97
C ALA A 185 -11.23 0.66 44.00
N ARG A 186 -10.95 -0.57 44.44
CA ARG A 186 -9.58 -1.03 44.52
C ARG A 186 -8.98 -1.10 43.13
N TYR A 187 -9.80 -1.47 42.16
CA TYR A 187 -9.33 -1.56 40.79
C TYR A 187 -10.28 -0.94 39.77
N LEU A 188 -9.70 -0.34 38.75
CA LEU A 188 -10.48 0.28 37.70
C LEU A 188 -10.08 -0.41 36.40
N VAL A 189 -11.03 -1.13 35.80
CA VAL A 189 -10.74 -1.81 34.54
C VAL A 189 -11.44 -1.11 33.39
N ALA A 190 -10.65 -0.67 32.43
CA ALA A 190 -11.18 0.04 31.30
C ALA A 190 -11.43 -0.84 30.09
N CYS A 191 -12.71 -1.06 29.79
CA CYS A 191 -13.14 -1.84 28.62
C CYS A 191 -13.93 -0.78 27.86
N ASP A 192 -13.29 0.35 27.59
CA ASP A 192 -13.95 1.47 26.91
C ASP A 192 -13.79 1.60 25.38
N GLY A 193 -13.44 0.50 24.72
CA GLY A 193 -13.31 0.51 23.27
C GLY A 193 -12.00 0.95 22.66
N ALA A 194 -11.94 0.84 21.33
CA ALA A 194 -10.77 1.18 20.55
C ALA A 194 -10.19 2.58 20.75
N SER A 195 -11.05 3.58 20.96
CA SER A 195 -10.59 4.96 21.16
C SER A 195 -10.47 5.27 22.64
N SER A 196 -10.20 4.24 23.43
CA SER A 196 -10.08 4.36 24.88
C SER A 196 -9.52 5.66 25.40
N PRO A 197 -10.39 6.49 25.98
CA PRO A 197 -9.93 7.78 26.54
C PRO A 197 -8.97 7.46 27.69
N THR A 198 -9.23 6.37 28.40
CA THR A 198 -8.40 5.98 29.54
C THR A 198 -6.97 5.69 29.11
N ARG A 199 -6.79 4.99 28.00
CA ARG A 199 -5.45 4.69 27.51
C ARG A 199 -4.68 5.99 27.24
N LYS A 200 -5.40 6.98 26.71
CA LYS A 200 -4.80 8.28 26.42
C LYS A 200 -4.44 9.07 27.69
N ALA A 201 -5.33 9.08 28.68
CA ALA A 201 -5.07 9.79 29.93
C ALA A 201 -3.84 9.24 30.65
N LEU A 202 -3.57 7.95 30.47
CA LEU A 202 -2.41 7.31 31.10
C LEU A 202 -1.16 7.54 30.26
N GLY A 203 -1.35 8.09 29.07
CA GLY A 203 -0.22 8.35 28.19
C GLY A 203 0.32 7.13 27.46
N ILE A 204 -0.49 6.09 27.34
CA ILE A 204 -0.07 4.88 26.63
C ILE A 204 -0.40 4.96 25.14
N ASP A 205 0.56 4.62 24.30
CA ASP A 205 0.37 4.68 22.84
C ASP A 205 0.13 3.30 22.22
N ALA A 206 -0.87 3.21 21.34
CA ALA A 206 -1.20 1.97 20.65
C ALA A 206 -0.96 2.18 19.16
N PRO A 207 0.31 2.18 18.73
CA PRO A 207 0.71 2.37 17.34
C PRO A 207 0.15 1.37 16.33
N PRO A 208 -0.38 1.86 15.20
CA PRO A 208 -0.94 0.98 14.17
C PRO A 208 0.17 0.13 13.57
N ARG A 209 -0.03 -1.19 13.58
CA ARG A 209 0.98 -2.10 13.04
C ARG A 209 0.81 -2.27 11.53
N HIS A 210 -0.31 -1.79 11.01
CA HIS A 210 -0.59 -1.85 9.59
C HIS A 210 -1.44 -0.66 9.22
N ARG A 211 -1.61 -0.43 7.92
CA ARG A 211 -2.39 0.71 7.45
C ARG A 211 -3.85 0.70 7.88
N THR A 212 -4.32 1.85 8.37
CA THR A 212 -5.70 2.03 8.78
C THR A 212 -6.56 2.17 7.52
N GLN A 213 -7.76 1.60 7.54
CA GLN A 213 -8.67 1.68 6.40
C GLN A 213 -10.04 2.17 6.85
N VAL A 214 -10.85 2.61 5.89
CA VAL A 214 -12.17 3.13 6.19
C VAL A 214 -13.25 2.36 5.44
N PHE A 215 -14.37 2.11 6.12
CA PHE A 215 -15.49 1.39 5.55
C PHE A 215 -16.84 1.97 5.96
N ARG A 216 -17.87 1.51 5.26
CA ARG A 216 -19.25 1.90 5.57
C ARG A 216 -20.02 0.59 5.70
N ASN A 217 -20.84 0.49 6.74
CA ASN A 217 -21.67 -0.69 6.96
C ASN A 217 -23.13 -0.30 6.89
N ILE A 218 -23.83 -0.89 5.93
CA ILE A 218 -25.24 -0.61 5.73
C ILE A 218 -26.10 -1.75 6.20
N LEU A 219 -26.93 -1.46 7.19
CA LEU A 219 -27.84 -2.43 7.79
C LEU A 219 -29.19 -2.29 7.06
N PHE A 220 -29.80 -3.40 6.67
CA PHE A 220 -31.07 -3.29 5.99
C PHE A 220 -31.97 -4.51 6.12
N ARG A 221 -33.26 -4.31 5.85
CA ARG A 221 -34.24 -5.38 5.89
C ARG A 221 -34.61 -5.72 4.45
N ALA A 222 -34.70 -7.01 4.17
CA ALA A 222 -35.04 -7.54 2.85
C ALA A 222 -35.81 -8.83 3.17
N PRO A 223 -37.12 -8.70 3.42
CA PRO A 223 -38.11 -9.72 3.77
C PRO A 223 -38.24 -10.96 2.86
N GLU A 224 -38.00 -10.79 1.56
CA GLU A 224 -38.15 -11.91 0.65
C GLU A 224 -36.83 -12.37 0.05
N LEU A 225 -35.72 -11.77 0.48
CA LEU A 225 -34.43 -12.15 -0.07
C LEU A 225 -34.14 -13.63 0.16
N ARG A 226 -34.38 -14.14 1.37
CA ARG A 226 -34.11 -15.56 1.61
C ARG A 226 -34.88 -16.48 0.67
N SER A 227 -36.17 -16.20 0.47
CA SER A 227 -37.01 -17.01 -0.43
C SER A 227 -36.46 -17.03 -1.86
N LEU A 228 -36.01 -15.87 -2.33
CA LEU A 228 -35.47 -15.75 -3.68
C LEU A 228 -34.15 -16.50 -3.88
N LEU A 229 -33.31 -16.51 -2.85
CA LEU A 229 -32.02 -17.20 -2.92
C LEU A 229 -32.18 -18.70 -2.87
N GLY A 230 -33.33 -19.15 -2.37
CA GLY A 230 -33.61 -20.56 -2.28
C GLY A 230 -32.49 -21.37 -1.63
N GLU A 231 -31.85 -22.21 -2.44
CA GLU A 231 -30.78 -23.07 -1.99
C GLU A 231 -29.41 -22.40 -2.04
N ARG A 232 -29.35 -21.16 -2.50
CA ARG A 232 -28.08 -20.46 -2.59
C ARG A 232 -27.84 -19.57 -1.37
N ALA A 233 -28.76 -19.60 -0.41
CA ALA A 233 -28.64 -18.78 0.79
C ALA A 233 -27.31 -19.06 1.48
N ALA A 234 -26.73 -18.03 2.07
CA ALA A 234 -25.46 -18.14 2.76
C ALA A 234 -25.41 -17.18 3.94
N LEU A 235 -24.43 -17.37 4.82
CA LEU A 235 -24.24 -16.50 5.98
C LEU A 235 -23.37 -15.31 5.52
N PHE A 236 -22.38 -15.59 4.68
CA PHE A 236 -21.48 -14.56 4.14
C PHE A 236 -21.45 -14.56 2.63
N PHE A 237 -21.57 -13.39 2.02
CA PHE A 237 -21.49 -13.25 0.58
C PHE A 237 -20.35 -12.31 0.32
N PHE A 238 -19.21 -12.84 -0.13
CA PHE A 238 -18.07 -11.99 -0.43
C PHE A 238 -18.28 -11.52 -1.87
N LEU A 239 -18.51 -10.22 -2.01
CA LEU A 239 -18.73 -9.62 -3.31
C LEU A 239 -17.43 -9.40 -4.07
N MET A 240 -17.49 -9.57 -5.39
CA MET A 240 -16.35 -9.36 -6.26
C MET A 240 -16.88 -8.52 -7.42
N LEU A 241 -17.47 -7.38 -7.07
CA LEU A 241 -18.08 -6.46 -8.03
C LEU A 241 -17.15 -5.33 -8.49
N SER A 242 -16.66 -4.54 -7.54
CA SER A 242 -15.76 -3.43 -7.85
C SER A 242 -14.73 -3.29 -6.74
N SER A 243 -13.92 -2.23 -6.81
CA SER A 243 -12.90 -1.99 -5.79
C SER A 243 -13.52 -1.63 -4.44
N SER A 244 -14.67 -0.95 -4.46
CA SER A 244 -15.30 -0.61 -3.19
C SER A 244 -16.23 -1.72 -2.73
N LEU A 245 -16.67 -2.56 -3.66
CA LEU A 245 -17.55 -3.67 -3.32
C LEU A 245 -16.89 -5.06 -3.53
N ARG A 246 -15.89 -5.35 -2.71
CA ARG A 246 -15.17 -6.63 -2.74
C ARG A 246 -15.21 -7.12 -1.29
N PHE A 247 -16.27 -6.76 -0.58
CA PHE A 247 -16.38 -7.14 0.82
C PHE A 247 -17.69 -7.85 1.14
N PRO A 248 -17.73 -8.54 2.28
CA PRO A 248 -18.92 -9.29 2.70
C PRO A 248 -20.25 -8.59 2.93
N LEU A 249 -21.31 -9.30 2.57
CA LEU A 249 -22.68 -8.85 2.81
C LEU A 249 -23.13 -10.01 3.70
N ARG A 250 -23.41 -9.71 4.96
CA ARG A 250 -23.78 -10.72 5.94
C ARG A 250 -25.25 -10.84 6.33
N ALA A 251 -25.72 -12.06 6.46
CA ALA A 251 -27.10 -12.30 6.89
C ALA A 251 -27.03 -12.30 8.43
N LEU A 252 -27.42 -11.19 9.05
CA LEU A 252 -27.34 -11.01 10.50
C LEU A 252 -28.19 -11.87 11.42
N ASP A 253 -29.49 -11.96 11.13
CA ASP A 253 -30.39 -12.71 12.00
C ASP A 253 -31.11 -13.88 11.33
N GLY A 254 -30.78 -14.12 10.08
CA GLY A 254 -31.40 -15.22 9.35
C GLY A 254 -32.91 -15.10 9.15
N ARG A 255 -33.43 -13.89 9.23
CA ARG A 255 -34.86 -13.69 9.06
C ARG A 255 -35.26 -12.32 8.53
N GLY A 256 -34.40 -11.73 7.70
CA GLY A 256 -34.70 -10.44 7.11
C GLY A 256 -33.64 -9.38 7.24
N LEU A 257 -32.80 -9.48 8.27
CA LEU A 257 -31.74 -8.51 8.52
C LEU A 257 -30.41 -8.84 7.84
N TYR A 258 -29.88 -7.89 7.07
CA TYR A 258 -28.61 -8.03 6.39
C TYR A 258 -27.71 -6.81 6.59
N ARG A 259 -26.41 -6.99 6.36
CA ARG A 259 -25.44 -5.91 6.51
C ARG A 259 -24.42 -5.97 5.37
N LEU A 260 -24.26 -4.85 4.69
CA LEU A 260 -23.30 -4.76 3.59
C LEU A 260 -22.14 -3.83 3.96
N THR A 261 -20.92 -4.32 3.86
CA THR A 261 -19.78 -3.45 4.16
C THR A 261 -19.18 -3.00 2.84
N VAL A 262 -18.91 -1.70 2.74
CA VAL A 262 -18.32 -1.13 1.53
C VAL A 262 -17.09 -0.28 1.85
N GLY A 263 -16.05 -0.45 1.06
CA GLY A 263 -14.83 0.29 1.28
C GLY A 263 -14.91 1.71 0.74
N VAL A 264 -14.02 2.56 1.23
CA VAL A 264 -13.97 3.95 0.80
C VAL A 264 -12.53 4.44 0.65
N ASP A 265 -12.17 4.79 -0.58
CA ASP A 265 -10.82 5.31 -0.87
C ASP A 265 -10.86 6.79 -1.23
N THR A 271 -19.56 8.18 -1.20
CA THR A 271 -20.30 9.25 -1.88
C THR A 271 -21.65 8.75 -2.39
N MET A 272 -21.65 7.54 -2.94
CA MET A 272 -22.87 6.93 -3.49
C MET A 272 -23.94 6.69 -2.43
N ASP A 273 -25.20 6.78 -2.86
CA ASP A 273 -26.37 6.59 -2.00
C ASP A 273 -26.43 5.20 -1.33
N SER A 274 -26.91 5.15 -0.08
CA SER A 274 -27.02 3.89 0.65
C SER A 274 -27.81 2.84 -0.11
N PHE A 275 -29.08 3.16 -0.36
CA PHE A 275 -29.98 2.26 -1.07
C PHE A 275 -29.38 1.76 -2.38
N GLU A 276 -28.76 2.67 -3.14
CA GLU A 276 -28.18 2.28 -4.42
C GLU A 276 -26.98 1.36 -4.30
N LEU A 277 -26.22 1.47 -3.21
CA LEU A 277 -25.08 0.59 -3.01
C LEU A 277 -25.61 -0.82 -2.80
N VAL A 278 -26.70 -0.93 -2.04
CA VAL A 278 -27.31 -2.23 -1.78
C VAL A 278 -27.94 -2.78 -3.06
N ARG A 279 -28.56 -1.93 -3.85
CA ARG A 279 -29.18 -2.35 -5.10
C ARG A 279 -28.12 -2.92 -6.02
N ARG A 280 -26.97 -2.29 -6.01
CA ARG A 280 -25.88 -2.72 -6.86
C ARG A 280 -25.36 -4.10 -6.46
N ALA A 281 -25.37 -4.38 -5.16
CA ALA A 281 -24.87 -5.64 -4.64
C ALA A 281 -25.88 -6.79 -4.70
N VAL A 282 -27.16 -6.45 -4.67
CA VAL A 282 -28.25 -7.43 -4.70
C VAL A 282 -28.99 -7.41 -6.03
N ALA A 283 -28.76 -8.44 -6.84
CA ALA A 283 -29.36 -8.55 -8.17
C ALA A 283 -30.79 -9.08 -8.20
N PHE A 284 -31.66 -8.56 -7.34
CA PHE A 284 -33.05 -8.96 -7.31
C PHE A 284 -33.87 -7.69 -7.22
N ASP A 285 -35.11 -7.77 -7.67
CA ASP A 285 -36.02 -6.64 -7.59
C ASP A 285 -36.92 -7.08 -6.43
N THR A 286 -36.46 -6.81 -5.22
CA THR A 286 -37.19 -7.21 -4.03
C THR A 286 -37.17 -6.06 -3.04
N GLU A 287 -38.08 -6.08 -2.07
CA GLU A 287 -38.14 -5.00 -1.09
C GLU A 287 -36.86 -4.86 -0.26
N ILE A 288 -36.35 -3.63 -0.20
CA ILE A 288 -35.14 -3.32 0.56
C ILE A 288 -35.41 -2.07 1.41
N GLU A 289 -35.07 -2.17 2.70
CA GLU A 289 -35.26 -1.04 3.62
C GLU A 289 -33.96 -0.74 4.37
N VAL A 290 -33.32 0.37 4.05
CA VAL A 290 -32.08 0.73 4.70
C VAL A 290 -32.34 1.28 6.10
N LEU A 291 -31.60 0.76 7.09
CA LEU A 291 -31.77 1.19 8.47
C LEU A 291 -30.64 2.08 8.96
N SER A 292 -29.39 1.68 8.73
CA SER A 292 -28.23 2.46 9.16
C SER A 292 -27.18 2.51 8.06
N ASP A 293 -26.25 3.45 8.22
CA ASP A 293 -25.13 3.60 7.29
C ASP A 293 -23.99 4.13 8.15
N SER A 294 -23.38 3.22 8.91
CA SER A 294 -22.29 3.54 9.81
C SER A 294 -20.90 3.46 9.18
N GLU A 295 -20.10 4.49 9.41
CA GLU A 295 -18.73 4.51 8.90
C GLU A 295 -17.84 4.08 10.05
N TRP A 296 -16.79 3.33 9.74
CA TRP A 296 -15.87 2.87 10.76
C TRP A 296 -14.46 2.68 10.21
N HIS A 297 -13.50 2.64 11.14
CA HIS A 297 -12.10 2.46 10.80
C HIS A 297 -11.61 1.07 11.23
N LEU A 298 -11.04 0.31 10.31
CA LEU A 298 -10.52 -1.00 10.68
C LEU A 298 -9.07 -0.70 11.00
N THR A 299 -8.66 -0.97 12.24
CA THR A 299 -7.30 -0.67 12.67
C THR A 299 -6.56 -1.86 13.27
N HIS A 300 -5.24 -1.73 13.34
CA HIS A 300 -4.39 -2.77 13.89
C HIS A 300 -3.60 -2.08 14.99
N ARG A 301 -4.21 -1.91 16.16
CA ARG A 301 -3.53 -1.23 17.24
C ARG A 301 -3.53 -1.93 18.60
N VAL A 302 -2.32 -2.25 19.10
CA VAL A 302 -2.16 -2.89 20.40
C VAL A 302 -1.43 -1.94 21.35
N ALA A 303 -1.91 -1.79 22.57
CA ALA A 303 -1.27 -0.89 23.55
C ALA A 303 0.16 -1.34 23.92
N ASP A 304 1.02 -0.35 24.21
CA ASP A 304 2.41 -0.61 24.58
C ASP A 304 2.47 -1.26 25.95
N SER A 305 1.49 -0.94 26.79
CA SER A 305 1.37 -1.50 28.12
C SER A 305 -0.12 -1.65 28.37
N PHE A 306 -0.49 -2.64 29.19
CA PHE A 306 -1.89 -2.90 29.47
C PHE A 306 -2.35 -2.37 30.83
N SER A 307 -1.47 -1.66 31.53
CA SER A 307 -1.85 -1.13 32.83
C SER A 307 -0.89 -0.07 33.38
N ALA A 308 -1.33 0.55 34.46
CA ALA A 308 -0.55 1.57 35.16
C ALA A 308 -1.21 1.72 36.53
N GLY A 309 -0.51 1.27 37.57
CA GLY A 309 -1.06 1.34 38.90
C GLY A 309 -2.24 0.38 39.03
N ARG A 310 -3.34 0.89 39.59
CA ARG A 310 -4.54 0.10 39.79
C ARG A 310 -5.54 0.23 38.63
N VAL A 311 -5.05 0.75 37.50
CA VAL A 311 -5.88 0.92 36.32
C VAL A 311 -5.42 0.00 35.20
N PHE A 312 -6.36 -0.80 34.69
CA PHE A 312 -6.08 -1.76 33.60
C PHE A 312 -6.88 -1.53 32.31
N LEU A 313 -6.33 -2.02 31.21
CA LEU A 313 -6.97 -1.91 29.91
C LEU A 313 -7.29 -3.33 29.40
N THR A 314 -8.53 -3.53 28.96
CA THR A 314 -8.96 -4.82 28.44
C THR A 314 -9.91 -4.65 27.23
N GLY A 315 -9.92 -5.63 26.35
CA GLY A 315 -10.76 -5.57 25.17
C GLY A 315 -10.16 -4.65 24.12
N ASP A 316 -11.03 -3.96 23.39
CA ASP A 316 -10.59 -3.05 22.34
C ASP A 316 -9.67 -1.92 22.86
N ALA A 317 -9.86 -1.51 24.11
CA ALA A 317 -9.01 -0.45 24.66
C ALA A 317 -7.54 -0.91 24.75
N ALA A 318 -7.32 -2.22 24.69
CA ALA A 318 -5.96 -2.76 24.75
C ALA A 318 -5.49 -3.29 23.41
N HIS A 319 -6.41 -3.90 22.66
CA HIS A 319 -6.07 -4.47 21.37
C HIS A 319 -7.20 -4.48 20.34
N THR A 320 -6.86 -4.04 19.14
CA THR A 320 -7.81 -3.99 18.03
C THR A 320 -7.18 -4.74 16.86
N LEU A 321 -8.01 -5.25 15.97
CA LEU A 321 -7.53 -5.98 14.81
C LEU A 321 -8.60 -5.98 13.73
N SER A 322 -8.20 -6.37 12.52
CA SER A 322 -9.13 -6.44 11.40
C SER A 322 -10.16 -7.50 11.74
N PRO A 323 -11.46 -7.23 11.44
CA PRO A 323 -12.53 -8.19 11.72
C PRO A 323 -12.53 -9.42 10.82
N SER A 324 -11.56 -9.52 9.92
CA SER A 324 -11.47 -10.65 9.01
C SER A 324 -11.03 -11.88 9.77
N GLY A 325 -12.02 -12.70 10.15
CA GLY A 325 -11.75 -13.89 10.92
C GLY A 325 -12.69 -13.93 12.13
N GLY A 326 -13.13 -12.77 12.57
CA GLY A 326 -14.02 -12.67 13.71
C GLY A 326 -13.32 -12.94 15.03
N PHE A 327 -12.10 -12.42 15.17
CA PHE A 327 -11.32 -12.62 16.39
C PHE A 327 -11.45 -11.52 17.44
N GLY A 328 -11.92 -10.34 17.03
CA GLY A 328 -12.05 -9.20 17.93
C GLY A 328 -12.64 -9.37 19.31
N MET A 329 -13.93 -9.71 19.39
CA MET A 329 -14.56 -9.87 20.69
C MET A 329 -14.02 -11.07 21.47
N ASN A 330 -13.62 -12.13 20.76
CA ASN A 330 -13.09 -13.31 21.42
C ASN A 330 -11.77 -13.05 22.12
N THR A 331 -10.87 -12.33 21.48
CA THR A 331 -9.59 -12.03 22.07
C THR A 331 -9.82 -11.16 23.32
N GLY A 332 -10.91 -10.39 23.27
CA GLY A 332 -11.26 -9.53 24.38
C GLY A 332 -11.78 -10.32 25.56
N ILE A 333 -12.74 -11.18 25.29
CA ILE A 333 -13.34 -12.02 26.33
C ILE A 333 -12.25 -12.90 26.92
N GLY A 334 -11.27 -13.26 26.10
CA GLY A 334 -10.17 -14.06 26.59
C GLY A 334 -9.36 -13.26 27.59
N SER A 335 -8.96 -12.04 27.23
CA SER A 335 -8.20 -11.18 28.13
C SER A 335 -8.99 -10.80 29.38
N ALA A 336 -10.32 -10.73 29.24
CA ALA A 336 -11.17 -10.40 30.37
C ALA A 336 -11.13 -11.54 31.39
N ALA A 337 -11.18 -12.77 30.89
CA ALA A 337 -11.15 -13.94 31.74
C ALA A 337 -9.78 -14.06 32.40
N ASP A 338 -8.73 -13.64 31.70
CA ASP A 338 -7.38 -13.73 32.28
C ASP A 338 -7.28 -12.80 33.49
N LEU A 339 -7.64 -11.54 33.27
CA LEU A 339 -7.59 -10.51 34.30
C LEU A 339 -8.52 -10.86 35.45
N GLY A 340 -9.67 -11.46 35.11
CA GLY A 340 -10.62 -11.85 36.13
C GLY A 340 -10.05 -12.68 37.26
N TRP A 341 -9.43 -13.83 36.95
CA TRP A 341 -8.90 -14.67 38.02
C TRP A 341 -7.70 -14.07 38.75
N LYS A 342 -6.91 -13.25 38.07
CA LYS A 342 -5.76 -12.64 38.69
C LYS A 342 -6.19 -11.50 39.62
N LEU A 343 -7.26 -10.80 39.26
CA LEU A 343 -7.74 -9.73 40.11
C LEU A 343 -8.26 -10.36 41.40
N ALA A 344 -9.11 -11.37 41.25
CA ALA A 344 -9.72 -12.06 42.38
C ALA A 344 -8.69 -12.69 43.34
N ALA A 345 -7.57 -13.16 42.79
CA ALA A 345 -6.51 -13.76 43.60
C ALA A 345 -5.78 -12.71 44.44
N THR A 346 -5.56 -11.53 43.86
CA THR A 346 -4.89 -10.46 44.58
C THR A 346 -5.82 -9.93 45.67
N LEU A 347 -7.12 -9.85 45.36
CA LEU A 347 -8.12 -9.38 46.32
C LEU A 347 -8.31 -10.38 47.46
N ARG A 348 -8.27 -11.67 47.16
CA ARG A 348 -8.44 -12.68 48.21
C ARG A 348 -7.19 -12.76 49.10
N GLY A 349 -6.04 -12.40 48.54
CA GLY A 349 -4.81 -12.42 49.31
C GLY A 349 -3.76 -13.49 49.04
N TRP A 350 -4.09 -14.52 48.26
CA TRP A 350 -3.13 -15.58 47.99
C TRP A 350 -2.19 -15.36 46.81
N ALA A 351 -2.41 -14.29 46.06
CA ALA A 351 -1.58 -13.98 44.91
C ALA A 351 -0.25 -13.34 45.27
N GLY A 352 0.79 -13.70 44.55
CA GLY A 352 2.10 -13.11 44.80
C GLY A 352 2.05 -11.67 44.33
N PRO A 353 2.99 -10.82 44.75
CA PRO A 353 2.96 -9.42 44.30
C PRO A 353 3.16 -9.26 42.79
N GLY A 354 3.71 -10.27 42.13
CA GLY A 354 3.95 -10.17 40.70
C GLY A 354 2.89 -10.78 39.79
N LEU A 355 1.75 -11.18 40.33
CA LEU A 355 0.71 -11.79 39.51
C LEU A 355 0.02 -10.89 38.49
N LEU A 356 -0.37 -9.69 38.90
CA LEU A 356 -1.06 -8.79 37.99
C LEU A 356 -0.27 -8.42 36.74
N ALA A 357 1.03 -8.25 36.86
CA ALA A 357 1.86 -7.90 35.72
C ALA A 357 1.89 -8.98 34.63
N THR A 358 1.46 -10.20 34.95
CA THR A 358 1.47 -11.27 33.94
C THR A 358 0.29 -11.14 32.98
N TYR A 359 -0.64 -10.24 33.29
CA TYR A 359 -1.78 -10.02 32.40
C TYR A 359 -1.19 -9.51 31.07
N GLU A 360 -0.35 -8.48 31.16
CA GLU A 360 0.27 -7.95 29.96
C GLU A 360 1.26 -8.97 29.38
N GLU A 361 2.09 -9.55 30.25
CA GLU A 361 3.08 -10.53 29.82
C GLU A 361 2.46 -11.62 28.94
N GLU A 362 1.30 -12.14 29.35
CA GLU A 362 0.62 -13.21 28.63
C GLU A 362 -0.35 -12.79 27.50
N ARG A 363 -1.23 -11.84 27.78
CA ARG A 363 -2.22 -11.44 26.78
C ARG A 363 -1.71 -10.64 25.58
N ARG A 364 -0.83 -9.67 25.81
CA ARG A 364 -0.30 -8.86 24.72
C ARG A 364 0.25 -9.68 23.53
N PRO A 365 1.13 -10.67 23.79
CA PRO A 365 1.64 -11.46 22.66
C PRO A 365 0.51 -12.15 21.88
N VAL A 366 -0.55 -12.53 22.57
CA VAL A 366 -1.70 -13.18 21.94
C VAL A 366 -2.41 -12.16 21.05
N ALA A 367 -2.54 -10.94 21.57
CA ALA A 367 -3.20 -9.87 20.85
C ALA A 367 -2.46 -9.59 19.54
N ILE A 368 -1.14 -9.51 19.64
CA ILE A 368 -0.28 -9.25 18.51
C ILE A 368 -0.39 -10.34 17.47
N THR A 369 -0.19 -11.60 17.86
CA THR A 369 -0.25 -12.68 16.87
C THR A 369 -1.63 -12.83 16.26
N SER A 370 -2.67 -12.58 17.04
CA SER A 370 -4.02 -12.69 16.49
C SER A 370 -4.23 -11.57 15.47
N LEU A 371 -3.67 -10.40 15.76
CA LEU A 371 -3.77 -9.25 14.85
C LEU A 371 -3.12 -9.59 13.49
N GLU A 372 -1.92 -10.14 13.53
CA GLU A 372 -1.21 -10.49 12.31
C GLU A 372 -1.91 -11.56 11.48
N GLU A 373 -2.65 -12.44 12.15
CA GLU A 373 -3.37 -13.49 11.43
C GLU A 373 -4.62 -12.88 10.81
N ALA A 374 -5.20 -11.89 11.47
CA ALA A 374 -6.37 -11.22 10.97
C ALA A 374 -5.95 -10.43 9.72
N ASN A 375 -4.73 -9.88 9.76
CA ASN A 375 -4.19 -9.12 8.64
C ASN A 375 -3.96 -10.03 7.44
N VAL A 376 -3.50 -11.25 7.66
CA VAL A 376 -3.29 -12.18 6.55
C VAL A 376 -4.61 -12.41 5.81
N ASN A 377 -5.70 -12.64 6.55
CA ASN A 377 -7.00 -12.84 5.92
C ASN A 377 -7.36 -11.57 5.15
N LEU A 378 -7.17 -10.41 5.78
CA LEU A 378 -7.50 -9.14 5.14
C LEU A 378 -6.77 -8.93 3.81
N ARG A 379 -5.44 -9.05 3.84
CA ARG A 379 -4.63 -8.88 2.65
C ARG A 379 -5.01 -9.85 1.56
N ARG A 380 -5.54 -11.02 1.93
CA ARG A 380 -5.91 -11.99 0.92
C ARG A 380 -7.00 -11.49 -0.01
N THR A 381 -7.98 -10.74 0.51
CA THR A 381 -9.03 -10.23 -0.35
C THR A 381 -8.69 -8.83 -0.87
N MET A 382 -7.72 -8.18 -0.24
CA MET A 382 -7.31 -6.86 -0.67
C MET A 382 -6.40 -6.98 -1.89
N ASP A 383 -5.60 -8.03 -1.92
CA ASP A 383 -4.67 -8.23 -3.01
C ASP A 383 -5.19 -9.15 -4.09
N ARG A 384 -6.38 -9.72 -3.91
CA ARG A 384 -6.93 -10.58 -4.93
C ARG A 384 -7.30 -9.71 -6.13
N GLU A 385 -7.01 -10.18 -7.33
CA GLU A 385 -7.31 -9.42 -8.53
C GLU A 385 -8.65 -9.83 -9.12
N LEU A 386 -9.40 -8.86 -9.63
CA LEU A 386 -10.69 -9.11 -10.25
C LEU A 386 -10.56 -9.06 -11.78
N PRO A 387 -10.26 -10.21 -12.42
CA PRO A 387 -10.11 -10.31 -13.87
C PRO A 387 -11.24 -9.69 -14.68
N PRO A 388 -10.93 -9.19 -15.89
CA PRO A 388 -11.81 -8.53 -16.87
C PRO A 388 -13.24 -9.06 -17.06
N GLY A 389 -13.39 -10.19 -17.76
CA GLY A 389 -14.71 -10.72 -18.03
C GLY A 389 -15.30 -11.63 -16.96
N LEU A 390 -15.24 -11.18 -15.72
CA LEU A 390 -15.75 -11.93 -14.57
C LEU A 390 -17.27 -11.94 -14.47
N HIS A 391 -17.91 -10.98 -15.13
CA HIS A 391 -19.36 -10.84 -15.08
C HIS A 391 -20.12 -11.37 -16.30
N ASP A 392 -19.43 -11.66 -17.39
CA ASP A 392 -20.08 -12.14 -18.62
C ASP A 392 -20.93 -13.40 -18.44
N ASP A 393 -21.99 -13.49 -19.24
CA ASP A 393 -22.87 -14.65 -19.23
C ASP A 393 -22.38 -15.64 -20.29
N GLY A 394 -22.64 -16.93 -20.06
CA GLY A 394 -22.20 -17.93 -21.02
C GLY A 394 -20.86 -18.54 -20.64
N PRO A 395 -20.57 -19.77 -21.08
CA PRO A 395 -19.33 -20.48 -20.80
C PRO A 395 -18.05 -19.66 -20.98
N ARG A 396 -18.17 -18.53 -21.69
CA ARG A 396 -17.03 -17.66 -21.94
C ARG A 396 -16.52 -17.09 -20.61
N GLY A 397 -17.43 -16.48 -19.85
CA GLY A 397 -17.06 -15.91 -18.57
C GLY A 397 -17.01 -16.96 -17.49
N GLU A 398 -17.73 -18.05 -17.70
CA GLU A 398 -17.74 -19.14 -16.73
C GLU A 398 -16.33 -19.72 -16.62
N ARG A 399 -15.58 -19.64 -17.71
CA ARG A 399 -14.22 -20.15 -17.73
C ARG A 399 -13.31 -19.23 -16.92
N ILE A 400 -13.60 -17.94 -16.95
CA ILE A 400 -12.80 -16.97 -16.19
C ILE A 400 -13.05 -17.19 -14.70
N ARG A 401 -14.31 -17.47 -14.34
CA ARG A 401 -14.69 -17.71 -12.95
C ARG A 401 -13.99 -18.96 -12.44
N ALA A 402 -14.11 -20.05 -13.19
CA ALA A 402 -13.50 -21.31 -12.82
C ALA A 402 -12.02 -21.07 -12.54
N ALA A 403 -11.44 -20.11 -13.26
CA ALA A 403 -10.03 -19.76 -13.08
C ALA A 403 -9.85 -19.07 -11.72
N VAL A 404 -10.71 -18.09 -11.46
CA VAL A 404 -10.67 -17.32 -10.21
C VAL A 404 -10.91 -18.21 -9.00
N ALA A 405 -11.97 -19.02 -9.07
CA ALA A 405 -12.33 -19.93 -8.01
C ALA A 405 -11.12 -20.79 -7.66
N GLU A 406 -10.41 -21.19 -8.71
CA GLU A 406 -9.21 -21.99 -8.57
C GLU A 406 -8.17 -21.27 -7.71
N LYS A 407 -7.86 -20.03 -8.07
CA LYS A 407 -6.87 -19.25 -7.32
C LYS A 407 -7.32 -18.98 -5.88
N LEU A 408 -8.64 -18.89 -5.69
CA LEU A 408 -9.21 -18.65 -4.37
C LEU A 408 -8.88 -19.82 -3.45
N GLU A 409 -9.05 -21.03 -3.98
CA GLU A 409 -8.78 -22.25 -3.23
C GLU A 409 -7.34 -22.23 -2.73
N ARG A 410 -6.41 -22.08 -3.66
CA ARG A 410 -4.99 -22.07 -3.34
C ARG A 410 -4.55 -20.93 -2.40
N SER A 411 -5.27 -19.82 -2.43
CA SER A 411 -4.93 -18.68 -1.56
C SER A 411 -5.28 -18.99 -0.11
N GLY A 412 -6.00 -20.10 0.10
CA GLY A 412 -6.38 -20.49 1.44
C GLY A 412 -7.42 -19.56 2.05
N ALA A 413 -8.42 -19.20 1.25
CA ALA A 413 -9.48 -18.32 1.71
C ALA A 413 -10.28 -18.94 2.87
N ARG A 414 -10.47 -20.25 2.83
CA ARG A 414 -11.23 -20.91 3.88
C ARG A 414 -10.59 -20.84 5.27
N ARG A 415 -9.34 -20.38 5.34
CA ARG A 415 -8.63 -20.26 6.62
C ARG A 415 -9.25 -19.12 7.40
N GLU A 416 -9.98 -18.25 6.70
CA GLU A 416 -10.62 -17.11 7.33
C GLU A 416 -11.87 -17.53 8.08
N PHE A 417 -12.45 -18.64 7.66
CA PHE A 417 -13.67 -19.14 8.29
C PHE A 417 -13.44 -20.43 9.07
N ASP A 418 -12.18 -20.76 9.33
CA ASP A 418 -11.87 -21.98 10.09
C ASP A 418 -10.49 -21.82 10.73
N ALA A 419 -10.47 -21.07 11.83
CA ALA A 419 -9.23 -20.78 12.54
C ALA A 419 -9.12 -21.37 13.96
N PRO A 420 -9.21 -22.71 14.08
CA PRO A 420 -9.11 -23.34 15.40
C PRO A 420 -7.82 -22.95 16.14
N GLY A 421 -6.74 -22.81 15.39
CA GLY A 421 -5.47 -22.42 15.99
C GLY A 421 -5.56 -21.08 16.67
N ILE A 422 -6.22 -20.13 16.00
CA ILE A 422 -6.39 -18.79 16.56
C ILE A 422 -7.37 -18.81 17.74
N HIS A 423 -8.35 -19.70 17.70
CA HIS A 423 -9.32 -19.80 18.79
C HIS A 423 -8.77 -20.48 20.03
N PHE A 424 -8.13 -21.64 19.85
CA PHE A 424 -7.62 -22.41 20.99
C PHE A 424 -6.12 -22.65 21.08
N GLY A 425 -5.35 -22.25 20.08
CA GLY A 425 -3.91 -22.53 20.09
C GLY A 425 -2.88 -21.61 20.72
N HIS A 426 -3.30 -20.57 21.43
CA HIS A 426 -2.33 -19.66 22.05
C HIS A 426 -1.70 -20.29 23.28
N THR A 427 -0.37 -20.27 23.33
CA THR A 427 0.39 -20.87 24.42
C THR A 427 1.21 -19.82 25.15
N TYR A 428 0.89 -19.58 26.42
CA TYR A 428 1.61 -18.59 27.19
C TYR A 428 3.03 -19.06 27.51
N ARG A 429 3.98 -18.16 27.31
CA ARG A 429 5.39 -18.40 27.57
C ARG A 429 5.74 -17.30 28.59
N SER A 430 5.45 -17.54 29.87
CA SER A 430 5.68 -16.53 30.90
C SER A 430 6.38 -16.97 32.18
N SER A 431 6.54 -16.03 33.09
CA SER A 431 7.19 -16.24 34.37
C SER A 431 6.40 -17.06 35.39
N ILE A 432 5.13 -17.32 35.11
CA ILE A 432 4.33 -18.13 36.03
C ILE A 432 3.96 -19.44 35.40
N VAL A 433 4.58 -19.74 34.25
CA VAL A 433 4.34 -20.99 33.54
C VAL A 433 5.66 -21.74 33.34
N CYS A 434 5.67 -23.01 33.72
CA CYS A 434 6.85 -23.84 33.56
C CYS A 434 6.80 -24.42 32.17
N GLY A 435 7.16 -23.59 31.19
CA GLY A 435 7.13 -24.02 29.81
C GLY A 435 8.13 -25.13 29.50
N GLU A 436 7.87 -25.85 28.41
CA GLU A 436 8.75 -26.93 27.97
C GLU A 436 9.64 -26.36 26.87
N PRO A 437 10.76 -27.01 26.56
CA PRO A 437 11.69 -26.54 25.53
C PRO A 437 11.06 -26.23 24.17
N GLU A 438 10.40 -27.23 23.59
CA GLU A 438 9.74 -27.12 22.29
C GLU A 438 9.33 -25.69 21.91
N THR A 439 9.94 -25.16 20.87
CA THR A 439 9.63 -23.81 20.40
C THR A 439 8.36 -23.83 19.55
N GLU A 440 8.10 -22.71 18.86
CA GLU A 440 6.92 -22.60 18.03
C GLU A 440 7.27 -22.43 16.55
N VAL A 441 6.82 -23.38 15.74
CA VAL A 441 7.05 -23.37 14.29
C VAL A 441 6.00 -24.29 13.68
N ALA A 442 4.90 -23.69 13.22
CA ALA A 442 3.80 -24.45 12.61
C ALA A 442 4.32 -25.46 11.59
N THR A 443 3.93 -26.71 11.77
CA THR A 443 4.35 -27.79 10.88
C THR A 443 3.10 -28.50 10.33
N GLY A 444 1.94 -27.91 10.59
CA GLY A 444 0.69 -28.48 10.12
C GLY A 444 -0.50 -27.86 10.85
N GLY A 445 -1.71 -28.30 10.53
CA GLY A 445 -2.88 -27.77 11.18
C GLY A 445 -2.78 -27.91 12.69
N TRP A 446 -3.50 -27.08 13.43
CA TRP A 446 -3.48 -27.13 14.90
C TRP A 446 -4.09 -28.41 15.47
N ARG A 447 -3.48 -28.93 16.53
CA ARG A 447 -3.97 -30.13 17.21
C ARG A 447 -4.00 -29.83 18.70
N PRO A 448 -4.93 -30.48 19.44
CA PRO A 448 -5.05 -30.27 20.89
C PRO A 448 -3.75 -30.67 21.60
N SER A 449 -3.36 -29.86 22.57
CA SER A 449 -2.15 -30.09 23.34
C SER A 449 -2.35 -29.69 24.79
N ALA A 450 -1.80 -30.47 25.71
CA ALA A 450 -1.93 -30.16 27.12
C ALA A 450 -0.61 -29.56 27.60
N ARG A 451 0.21 -29.09 26.66
CA ARG A 451 1.50 -28.53 27.02
C ARG A 451 1.33 -27.27 27.87
N PRO A 452 2.33 -26.97 28.72
CA PRO A 452 2.35 -25.81 29.60
C PRO A 452 2.13 -24.47 28.89
N GLY A 453 1.10 -23.75 29.30
CA GLY A 453 0.79 -22.47 28.71
C GLY A 453 -0.45 -22.51 27.84
N ALA A 454 -0.79 -23.71 27.36
CA ALA A 454 -1.95 -23.87 26.49
C ALA A 454 -3.26 -24.12 27.23
N ARG A 455 -4.34 -24.08 26.47
CA ARG A 455 -5.69 -24.31 26.97
C ARG A 455 -5.84 -25.81 27.18
N ALA A 456 -6.10 -26.23 28.42
CA ALA A 456 -6.26 -27.66 28.68
C ALA A 456 -7.34 -28.15 27.71
N PRO A 457 -6.97 -29.10 26.83
CA PRO A 457 -7.86 -29.68 25.82
C PRO A 457 -9.14 -30.35 26.29
N HIS A 458 -10.14 -30.34 25.42
CA HIS A 458 -11.44 -30.93 25.70
C HIS A 458 -11.54 -32.43 25.46
N ALA A 459 -12.34 -33.09 26.29
CA ALA A 459 -12.61 -34.53 26.22
C ALA A 459 -13.88 -34.80 27.04
N TRP A 460 -14.74 -35.71 26.57
CA TRP A 460 -15.95 -36.02 27.31
C TRP A 460 -15.62 -37.06 28.37
N LEU A 461 -15.83 -36.72 29.64
CA LEU A 461 -15.59 -37.67 30.72
C LEU A 461 -16.80 -38.57 30.63
N THR A 462 -17.96 -37.92 30.47
CA THR A 462 -19.23 -38.63 30.31
C THR A 462 -20.00 -37.82 29.27
N PRO A 463 -21.00 -38.44 28.63
CA PRO A 463 -21.80 -37.75 27.60
C PRO A 463 -22.19 -36.33 27.96
N THR A 464 -22.27 -36.06 29.26
CA THR A 464 -22.68 -34.75 29.73
C THR A 464 -21.61 -33.90 30.39
N THR A 465 -20.45 -34.48 30.65
CA THR A 465 -19.37 -33.73 31.31
C THR A 465 -18.08 -33.67 30.52
N SER A 466 -17.60 -32.46 30.31
CA SER A 466 -16.35 -32.23 29.59
C SER A 466 -15.22 -31.96 30.57
N THR A 467 -13.99 -32.21 30.15
CA THR A 467 -12.85 -31.92 31.02
C THR A 467 -12.89 -30.42 31.34
N LEU A 468 -13.37 -29.62 30.39
CA LEU A 468 -13.47 -28.17 30.58
C LEU A 468 -14.38 -27.79 31.74
N ASP A 469 -15.38 -28.61 32.03
CA ASP A 469 -16.29 -28.34 33.13
C ASP A 469 -15.61 -28.46 34.51
N LEU A 470 -14.39 -28.98 34.55
CA LEU A 470 -13.68 -29.11 35.83
C LEU A 470 -12.87 -27.85 36.14
N PHE A 471 -12.64 -27.02 35.12
CA PHE A 471 -11.85 -25.82 35.29
C PHE A 471 -12.66 -24.53 35.43
N GLY A 472 -12.04 -23.47 35.94
CA GLY A 472 -12.73 -22.21 36.11
C GLY A 472 -12.77 -21.64 37.51
N ARG A 473 -12.63 -22.49 38.52
CA ARG A 473 -12.67 -22.01 39.89
C ARG A 473 -11.25 -21.82 40.43
N GLY A 474 -10.70 -22.84 41.09
CA GLY A 474 -9.34 -22.69 41.60
C GLY A 474 -8.39 -23.49 40.73
N PHE A 475 -7.17 -23.70 41.21
CA PHE A 475 -6.21 -24.49 40.46
C PHE A 475 -6.78 -25.93 40.47
N VAL A 476 -6.43 -26.73 39.48
CA VAL A 476 -6.94 -28.10 39.41
C VAL A 476 -5.79 -29.03 39.04
N LEU A 477 -5.71 -30.16 39.74
CA LEU A 477 -4.66 -31.14 39.48
C LEU A 477 -5.28 -32.44 39.02
N LEU A 478 -5.04 -32.78 37.75
CA LEU A 478 -5.54 -34.02 37.17
C LEU A 478 -4.46 -35.09 37.30
N SER A 479 -4.83 -36.25 37.83
CA SER A 479 -3.90 -37.35 37.98
C SER A 479 -4.51 -38.54 37.27
N PHE A 480 -3.82 -39.02 36.23
CA PHE A 480 -4.28 -40.14 35.42
C PHE A 480 -3.76 -41.50 35.86
N GLY A 481 -2.78 -41.51 36.77
CA GLY A 481 -2.26 -42.79 37.21
C GLY A 481 -2.25 -42.94 38.72
N THR A 482 -1.05 -42.99 39.27
CA THR A 482 -0.86 -43.14 40.71
C THR A 482 -1.05 -41.80 41.38
N THR A 483 -1.74 -41.80 42.51
CA THR A 483 -1.99 -40.57 43.25
C THR A 483 -0.93 -40.35 44.32
N ASP A 484 0.28 -40.84 44.05
CA ASP A 484 1.40 -40.68 44.97
C ASP A 484 1.91 -39.25 44.91
N GLY A 485 2.02 -38.61 46.07
CA GLY A 485 2.52 -37.24 46.11
C GLY A 485 1.40 -36.21 46.16
N VAL A 486 0.24 -36.58 45.64
CA VAL A 486 -0.91 -35.68 45.60
C VAL A 486 -1.18 -35.09 46.99
N GLU A 487 -1.12 -35.93 48.02
CA GLU A 487 -1.35 -35.46 49.38
C GLU A 487 -0.44 -34.27 49.70
N ALA A 488 0.83 -34.39 49.31
CA ALA A 488 1.81 -33.34 49.56
C ALA A 488 1.50 -32.08 48.73
N VAL A 489 0.88 -32.29 47.56
CA VAL A 489 0.55 -31.16 46.70
C VAL A 489 -0.54 -30.35 47.39
N THR A 490 -1.52 -31.06 47.95
CA THR A 490 -2.61 -30.42 48.66
C THR A 490 -2.11 -29.55 49.81
N ARG A 491 -1.18 -30.07 50.61
CA ARG A 491 -0.62 -29.32 51.72
C ARG A 491 0.14 -28.08 51.27
N ALA A 492 0.97 -28.23 50.22
CA ALA A 492 1.73 -27.09 49.71
C ALA A 492 0.81 -25.93 49.32
N PHE A 493 -0.33 -26.26 48.71
CA PHE A 493 -1.30 -25.23 48.31
C PHE A 493 -2.02 -24.64 49.51
N ALA A 494 -2.40 -25.50 50.45
CA ALA A 494 -3.09 -25.04 51.66
C ALA A 494 -2.18 -24.12 52.46
N ASP A 495 -0.89 -24.44 52.52
CA ASP A 495 0.09 -23.62 53.24
C ASP A 495 0.12 -22.19 52.70
N ARG A 496 -0.27 -22.03 51.44
CA ARG A 496 -0.27 -20.71 50.81
C ARG A 496 -1.69 -20.21 50.61
N HIS A 497 -2.66 -20.94 51.14
CA HIS A 497 -4.08 -20.58 51.01
C HIS A 497 -4.52 -20.48 49.55
N VAL A 498 -3.78 -21.12 48.65
CA VAL A 498 -4.14 -21.10 47.24
C VAL A 498 -5.13 -22.24 46.99
N PRO A 499 -6.34 -21.91 46.49
CA PRO A 499 -7.38 -22.91 46.20
C PRO A 499 -6.96 -23.98 45.22
N LEU A 500 -7.16 -25.23 45.59
CA LEU A 500 -6.80 -26.36 44.73
C LEU A 500 -7.83 -27.48 44.79
N GLU A 501 -8.06 -28.11 43.65
CA GLU A 501 -8.98 -29.25 43.55
C GLU A 501 -8.23 -30.39 42.87
N THR A 502 -8.33 -31.59 43.45
CA THR A 502 -7.65 -32.75 42.89
C THR A 502 -8.65 -33.72 42.29
N VAL A 503 -8.45 -34.06 41.03
CA VAL A 503 -9.34 -34.98 40.36
C VAL A 503 -8.56 -36.19 39.85
N THR A 504 -9.04 -37.38 40.20
CA THR A 504 -8.40 -38.61 39.78
C THR A 504 -9.18 -39.15 38.60
N CYS A 505 -8.51 -39.26 37.45
CA CYS A 505 -9.18 -39.75 36.24
C CYS A 505 -8.56 -41.05 35.73
N HIS A 506 -9.41 -41.95 35.26
CA HIS A 506 -8.94 -43.22 34.74
C HIS A 506 -8.89 -43.23 33.21
N ALA A 507 -10.02 -42.92 32.58
CA ALA A 507 -10.12 -42.89 31.12
C ALA A 507 -8.77 -42.82 30.38
N PRO A 508 -8.33 -43.95 29.82
CA PRO A 508 -7.06 -43.96 29.10
C PRO A 508 -6.98 -43.01 27.88
N GLU A 509 -8.10 -42.78 27.21
CA GLU A 509 -8.12 -41.89 26.05
C GLU A 509 -7.68 -40.47 26.43
N ILE A 510 -8.21 -39.97 27.53
CA ILE A 510 -7.88 -38.63 28.01
C ILE A 510 -6.42 -38.56 28.48
N HIS A 511 -5.93 -39.66 29.01
CA HIS A 511 -4.54 -39.74 29.47
C HIS A 511 -3.60 -39.55 28.27
N ALA A 512 -3.93 -40.20 27.15
CA ALA A 512 -3.11 -40.09 25.95
C ALA A 512 -3.10 -38.64 25.44
N LEU A 513 -4.26 -38.01 25.47
CA LEU A 513 -4.40 -36.63 25.02
C LEU A 513 -3.54 -35.68 25.86
N TYR A 514 -3.60 -35.83 27.19
CA TYR A 514 -2.81 -34.98 28.09
C TYR A 514 -1.35 -35.38 28.16
N GLU A 515 -1.08 -36.63 27.80
CA GLU A 515 0.28 -37.20 27.77
C GLU A 515 0.95 -37.50 29.10
N ARG A 516 0.87 -36.58 30.07
CA ARG A 516 1.50 -36.79 31.38
C ARG A 516 0.57 -37.40 32.43
N ALA A 517 1.15 -37.88 33.52
CA ALA A 517 0.37 -38.49 34.60
C ALA A 517 -0.24 -37.47 35.53
N HIS A 518 0.41 -36.31 35.63
CA HIS A 518 -0.06 -35.22 36.48
C HIS A 518 -0.06 -33.93 35.67
N VAL A 519 -1.20 -33.24 35.68
CA VAL A 519 -1.34 -31.98 34.98
C VAL A 519 -1.99 -30.97 35.92
N LEU A 520 -1.33 -29.82 36.06
CA LEU A 520 -1.82 -28.75 36.93
C LEU A 520 -2.45 -27.65 36.07
N VAL A 521 -3.76 -27.52 36.14
CA VAL A 521 -4.45 -26.50 35.37
C VAL A 521 -4.78 -25.27 36.21
N ARG A 522 -4.55 -24.10 35.62
CA ARG A 522 -4.80 -22.83 36.28
C ARG A 522 -6.29 -22.52 36.34
N PRO A 523 -6.67 -21.53 37.17
CA PRO A 523 -8.07 -21.10 37.34
C PRO A 523 -8.72 -20.66 36.02
N ASP A 524 -7.88 -20.40 35.01
CA ASP A 524 -8.37 -19.97 33.71
C ASP A 524 -8.41 -21.11 32.67
N GLY A 525 -8.14 -22.34 33.12
CA GLY A 525 -8.17 -23.48 32.21
C GLY A 525 -6.91 -23.73 31.39
N HIS A 526 -5.87 -22.95 31.64
CA HIS A 526 -4.60 -23.12 30.92
C HIS A 526 -3.64 -23.89 31.80
N VAL A 527 -2.79 -24.71 31.18
CA VAL A 527 -1.83 -25.52 31.92
C VAL A 527 -0.68 -24.71 32.50
N ALA A 528 -0.37 -24.96 33.78
CA ALA A 528 0.74 -24.26 34.42
C ALA A 528 1.97 -25.15 34.52
N TRP A 529 1.76 -26.46 34.65
CA TRP A 529 2.85 -27.43 34.78
C TRP A 529 2.36 -28.86 34.50
N ARG A 530 3.24 -29.71 33.99
CA ARG A 530 2.87 -31.10 33.78
C ARG A 530 4.09 -32.00 33.83
N GLY A 531 3.91 -33.22 34.32
CA GLY A 531 5.01 -34.15 34.41
C GLY A 531 4.53 -35.50 34.88
N ASP A 532 5.38 -36.51 34.73
CA ASP A 532 5.00 -37.84 35.18
C ASP A 532 5.37 -37.98 36.66
N HIS A 533 6.12 -37.01 37.16
CA HIS A 533 6.54 -37.00 38.56
C HIS A 533 6.49 -35.58 39.13
N LEU A 534 5.76 -35.42 40.24
CA LEU A 534 5.66 -34.11 40.88
C LEU A 534 7.06 -33.66 41.27
N PRO A 535 7.31 -32.35 41.25
CA PRO A 535 8.64 -31.83 41.61
C PRO A 535 8.91 -31.89 43.12
N ALA A 536 10.19 -31.84 43.48
CA ALA A 536 10.65 -31.90 44.86
C ALA A 536 10.22 -30.70 45.71
N GLU A 537 10.39 -29.50 45.15
CA GLU A 537 10.03 -28.26 45.87
C GLU A 537 8.63 -27.80 45.47
N LEU A 538 7.63 -28.38 46.12
CA LEU A 538 6.24 -28.05 45.86
C LEU A 538 5.95 -26.61 46.26
N GLY A 539 6.58 -26.17 47.34
CA GLY A 539 6.37 -24.81 47.79
C GLY A 539 6.89 -23.88 46.71
N GLY A 540 7.93 -24.32 46.02
CA GLY A 540 8.52 -23.52 44.95
C GLY A 540 7.56 -23.42 43.77
N LEU A 541 6.94 -24.55 43.42
CA LEU A 541 5.98 -24.60 42.31
C LEU A 541 4.79 -23.71 42.61
N VAL A 542 4.27 -23.81 43.83
CA VAL A 542 3.12 -23.02 44.27
C VAL A 542 3.44 -21.52 44.21
N ASP A 543 4.65 -21.15 44.60
CA ASP A 543 5.06 -19.75 44.58
C ASP A 543 5.20 -19.22 43.16
N LYS A 544 5.74 -20.06 42.29
CA LYS A 544 5.92 -19.68 40.89
C LYS A 544 4.57 -19.41 40.22
N VAL A 545 3.71 -20.43 40.17
CA VAL A 545 2.41 -20.31 39.53
C VAL A 545 1.47 -19.23 40.08
N ARG A 546 1.77 -18.67 41.25
CA ARG A 546 0.91 -17.63 41.83
C ARG A 546 1.45 -16.20 41.68
N GLY A 547 2.61 -16.06 41.02
CA GLY A 547 3.19 -14.75 40.83
C GLY A 547 4.06 -14.20 41.95
N ALA A 548 4.53 -15.08 42.83
CA ALA A 548 5.38 -14.66 43.94
C ALA A 548 6.79 -15.22 43.72
N ALA A 549 7.03 -15.73 42.52
CA ALA A 549 8.31 -16.30 42.14
C ALA A 549 9.52 -15.42 42.47
N ALA B 23 19.08 -1.66 12.30
CA ALA B 23 17.85 -0.82 12.39
C ALA B 23 17.41 -0.37 11.01
N PRO B 24 16.11 -0.06 10.85
CA PRO B 24 15.57 0.39 9.55
C PRO B 24 16.12 1.75 9.15
N ILE B 25 16.66 1.83 7.94
CA ILE B 25 17.21 3.07 7.42
C ILE B 25 16.03 3.93 7.01
N GLU B 26 16.00 5.17 7.47
CA GLU B 26 14.92 6.07 7.11
C GLU B 26 15.40 7.25 6.29
N THR B 27 14.52 7.73 5.40
CA THR B 27 14.83 8.85 4.52
C THR B 27 13.50 9.43 4.04
N ASP B 28 13.51 10.66 3.55
CA ASP B 28 12.27 11.28 3.09
C ASP B 28 11.70 10.65 1.80
N VAL B 29 12.58 10.38 0.84
CA VAL B 29 12.12 9.79 -0.40
C VAL B 29 12.97 8.63 -0.87
N LEU B 30 12.35 7.49 -1.09
CA LEU B 30 13.06 6.31 -1.59
C LEU B 30 12.78 6.22 -3.07
N ILE B 31 13.84 6.23 -3.87
CA ILE B 31 13.70 6.17 -5.30
C ILE B 31 13.99 4.77 -5.82
N LEU B 32 12.96 4.09 -6.29
CA LEU B 32 13.13 2.74 -6.81
C LEU B 32 13.53 2.83 -8.29
N GLY B 33 14.79 2.56 -8.58
CA GLY B 33 15.25 2.62 -9.95
C GLY B 33 16.41 3.57 -10.15
N GLY B 34 17.54 3.04 -10.62
CA GLY B 34 18.72 3.85 -10.86
C GLY B 34 18.95 4.17 -12.33
N GLY B 35 17.87 4.11 -13.12
CA GLY B 35 17.99 4.42 -14.53
C GLY B 35 18.06 5.94 -14.69
N PRO B 36 17.99 6.46 -15.92
CA PRO B 36 18.06 7.91 -16.19
C PRO B 36 17.06 8.76 -15.40
N VAL B 37 15.79 8.40 -15.48
CA VAL B 37 14.74 9.16 -14.79
C VAL B 37 14.87 9.14 -13.27
N GLY B 38 15.13 7.97 -12.70
CA GLY B 38 15.30 7.88 -11.27
C GLY B 38 16.47 8.73 -10.83
N MET B 39 17.55 8.74 -11.61
CA MET B 39 18.72 9.53 -11.27
C MET B 39 18.44 11.01 -11.33
N ALA B 40 17.70 11.44 -12.35
CA ALA B 40 17.35 12.85 -12.48
C ALA B 40 16.53 13.28 -11.28
N LEU B 41 15.67 12.40 -10.80
CA LEU B 41 14.84 12.73 -9.64
C LEU B 41 15.76 12.94 -8.44
N ALA B 42 16.80 12.12 -8.37
CA ALA B 42 17.79 12.21 -7.30
C ALA B 42 18.48 13.56 -7.36
N LEU B 43 18.84 13.97 -8.58
CA LEU B 43 19.51 15.25 -8.78
C LEU B 43 18.63 16.43 -8.37
N ASP B 44 17.34 16.38 -8.75
CA ASP B 44 16.44 17.45 -8.42
C ASP B 44 16.23 17.56 -6.91
N LEU B 45 16.11 16.43 -6.24
CA LEU B 45 15.91 16.44 -4.79
C LEU B 45 17.15 16.95 -4.06
N ALA B 46 18.32 16.61 -4.59
CA ALA B 46 19.58 17.06 -3.99
C ALA B 46 19.67 18.58 -4.07
N HIS B 47 19.27 19.16 -5.20
CA HIS B 47 19.32 20.60 -5.33
C HIS B 47 18.23 21.31 -4.55
N ARG B 48 17.34 20.53 -3.94
CA ARG B 48 16.25 21.06 -3.13
C ARG B 48 16.43 20.57 -1.69
N GLN B 49 17.65 20.17 -1.38
CA GLN B 49 18.02 19.65 -0.07
C GLN B 49 16.98 18.74 0.61
N VAL B 50 16.55 17.72 -0.12
CA VAL B 50 15.59 16.75 0.38
C VAL B 50 16.33 15.43 0.55
N GLY B 51 16.16 14.79 1.71
CA GLY B 51 16.83 13.52 1.97
C GLY B 51 16.28 12.43 1.08
N HIS B 52 17.15 11.76 0.33
CA HIS B 52 16.68 10.71 -0.56
C HIS B 52 17.67 9.58 -0.68
N LEU B 53 17.23 8.50 -1.32
CA LEU B 53 18.04 7.32 -1.50
C LEU B 53 17.63 6.66 -2.82
N VAL B 54 18.59 6.07 -3.53
CA VAL B 54 18.28 5.39 -4.78
C VAL B 54 18.75 3.94 -4.74
N VAL B 55 17.85 3.02 -5.06
CA VAL B 55 18.22 1.60 -5.10
C VAL B 55 18.13 1.10 -6.53
N GLU B 56 19.26 0.61 -7.03
CA GLU B 56 19.37 0.08 -8.38
C GLU B 56 19.84 -1.37 -8.31
N GLN B 57 19.03 -2.29 -8.81
CA GLN B 57 19.36 -3.70 -8.74
C GLN B 57 20.60 -4.15 -9.50
N THR B 58 20.97 -3.45 -10.56
CA THR B 58 22.16 -3.82 -11.32
C THR B 58 23.39 -3.14 -10.69
N ASP B 59 24.58 -3.47 -11.15
CA ASP B 59 25.80 -2.86 -10.61
C ASP B 59 25.99 -1.41 -11.10
N GLY B 60 25.03 -0.93 -11.89
CA GLY B 60 25.10 0.44 -12.37
C GLY B 60 25.79 0.68 -13.70
N THR B 61 26.44 -0.35 -14.24
CA THR B 61 27.13 -0.21 -15.50
C THR B 61 26.17 -0.51 -16.65
N ILE B 62 26.53 -0.06 -17.85
CA ILE B 62 25.71 -0.29 -19.03
C ILE B 62 26.45 -1.17 -20.03
N THR B 63 25.73 -2.15 -20.57
CA THR B 63 26.29 -3.08 -21.54
C THR B 63 25.75 -2.77 -22.92
N HIS B 64 24.43 -2.63 -23.02
CA HIS B 64 23.78 -2.33 -24.28
C HIS B 64 23.14 -0.94 -24.17
N PRO B 65 23.88 0.11 -24.55
CA PRO B 65 23.37 1.48 -24.48
C PRO B 65 22.03 1.61 -25.19
N ARG B 66 21.06 2.19 -24.51
CA ARG B 66 19.74 2.37 -25.09
C ARG B 66 19.62 3.83 -25.54
N VAL B 67 19.61 4.76 -24.58
CA VAL B 67 19.50 6.17 -24.88
C VAL B 67 20.78 6.73 -25.50
N GLY B 68 20.61 7.67 -26.42
CA GLY B 68 21.75 8.27 -27.08
C GLY B 68 21.63 9.77 -27.30
N THR B 69 20.39 10.26 -27.35
CA THR B 69 20.14 11.68 -27.58
C THR B 69 19.45 12.37 -26.42
N ILE B 70 20.17 13.27 -25.77
CA ILE B 70 19.60 13.99 -24.65
C ILE B 70 18.94 15.26 -25.20
N GLY B 71 17.63 15.36 -24.98
CA GLY B 71 16.90 16.51 -25.48
C GLY B 71 17.34 17.82 -24.87
N PRO B 72 17.01 18.95 -25.52
CA PRO B 72 17.37 20.28 -25.02
C PRO B 72 16.74 20.66 -23.67
N ARG B 73 15.50 20.26 -23.44
CA ARG B 73 14.88 20.61 -22.16
C ARG B 73 15.57 19.83 -21.07
N SER B 74 15.97 18.60 -21.38
CA SER B 74 16.68 17.81 -20.39
C SER B 74 17.99 18.50 -20.09
N MET B 75 18.64 18.98 -21.15
CA MET B 75 19.91 19.67 -20.99
C MET B 75 19.77 20.97 -20.20
N GLU B 76 18.58 21.56 -20.21
CA GLU B 76 18.41 22.80 -19.46
C GLU B 76 18.34 22.41 -17.97
N LEU B 77 17.75 21.25 -17.71
CA LEU B 77 17.64 20.73 -16.35
C LEU B 77 19.01 20.28 -15.84
N PHE B 78 19.79 19.62 -16.70
CA PHE B 78 21.12 19.19 -16.30
C PHE B 78 22.04 20.38 -16.10
N ARG B 79 21.72 21.49 -16.79
CA ARG B 79 22.50 22.73 -16.68
C ARG B 79 22.27 23.27 -15.26
N ARG B 80 21.01 23.22 -14.83
CA ARG B 80 20.69 23.68 -13.49
C ARG B 80 21.43 22.81 -12.48
N TRP B 81 21.37 21.51 -12.69
CA TRP B 81 22.01 20.55 -11.79
C TRP B 81 23.52 20.47 -11.93
N GLY B 82 24.09 21.28 -12.83
CA GLY B 82 25.54 21.31 -13.02
C GLY B 82 26.25 20.14 -13.70
N VAL B 83 25.57 19.39 -14.55
CA VAL B 83 26.22 18.26 -15.23
C VAL B 83 26.16 18.35 -16.75
N ALA B 84 25.60 19.45 -17.26
CA ALA B 84 25.46 19.64 -18.70
C ALA B 84 26.79 19.70 -19.44
N LYS B 85 27.75 20.44 -18.90
CA LYS B 85 29.07 20.57 -19.52
C LYS B 85 29.79 19.24 -19.71
N GLN B 86 29.93 18.48 -18.63
CA GLN B 86 30.62 17.19 -18.73
C GLN B 86 29.89 16.22 -19.67
N ILE B 87 28.59 16.43 -19.88
CA ILE B 87 27.82 15.58 -20.78
C ILE B 87 28.25 15.87 -22.22
N ARG B 88 28.45 17.14 -22.54
CA ARG B 88 28.86 17.53 -23.89
C ARG B 88 30.29 17.13 -24.17
N THR B 89 31.10 16.96 -23.13
CA THR B 89 32.49 16.55 -23.31
C THR B 89 32.75 15.09 -22.94
N ALA B 90 31.68 14.31 -22.83
CA ALA B 90 31.81 12.90 -22.46
C ALA B 90 32.49 12.05 -23.55
N GLY B 91 32.63 12.59 -24.75
CA GLY B 91 33.30 11.83 -25.80
C GLY B 91 32.75 11.92 -27.22
N TRP B 92 31.55 12.47 -27.38
CA TRP B 92 31.01 12.60 -28.73
C TRP B 92 31.90 13.55 -29.52
N PRO B 93 32.39 13.12 -30.69
CA PRO B 93 33.26 13.94 -31.55
C PRO B 93 32.59 15.22 -32.03
N GLY B 94 33.26 16.36 -31.81
CA GLY B 94 32.70 17.62 -32.23
C GLY B 94 32.54 17.76 -33.74
N ASP B 95 33.41 17.10 -34.50
CA ASP B 95 33.38 17.15 -35.95
C ASP B 95 32.53 16.06 -36.62
N HIS B 96 31.79 15.29 -35.84
CA HIS B 96 30.98 14.24 -36.43
C HIS B 96 29.63 14.77 -36.89
N PRO B 97 29.16 14.33 -38.07
CA PRO B 97 27.88 14.80 -38.58
C PRO B 97 26.72 14.38 -37.68
N LEU B 98 25.66 15.17 -37.70
CA LEU B 98 24.48 14.90 -36.90
C LEU B 98 23.30 14.62 -37.83
N ASP B 99 23.57 14.58 -39.13
CA ASP B 99 22.54 14.34 -40.15
C ASP B 99 21.74 13.04 -40.00
N ALA B 100 20.62 13.00 -40.69
CA ALA B 100 19.76 11.83 -40.73
C ALA B 100 19.60 11.57 -42.22
N ALA B 101 20.16 10.44 -42.70
CA ALA B 101 20.09 10.11 -44.11
C ALA B 101 19.38 8.79 -44.41
N TRP B 102 18.44 8.82 -45.36
CA TRP B 102 17.70 7.63 -45.78
C TRP B 102 18.47 6.97 -46.90
N VAL B 103 18.88 5.72 -46.69
CA VAL B 103 19.65 4.99 -47.68
C VAL B 103 19.08 3.61 -47.98
N THR B 104 19.37 3.09 -49.16
CA THR B 104 18.90 1.76 -49.53
C THR B 104 19.76 0.80 -48.74
N ARG B 105 20.97 1.24 -48.43
CA ARG B 105 21.91 0.39 -47.70
C ARG B 105 23.07 1.29 -47.28
N VAL B 106 23.61 1.07 -46.08
CA VAL B 106 24.73 1.89 -45.64
C VAL B 106 25.88 1.69 -46.61
N GLY B 107 26.39 2.78 -47.17
CA GLY B 107 27.49 2.67 -48.12
C GLY B 107 26.98 2.37 -49.52
N GLY B 108 25.67 2.50 -49.72
CA GLY B 108 25.09 2.23 -51.02
C GLY B 108 24.54 3.49 -51.63
N HIS B 109 23.29 3.43 -52.07
CA HIS B 109 22.64 4.59 -52.69
C HIS B 109 21.92 5.47 -51.67
N GLU B 110 22.24 6.75 -51.68
CA GLU B 110 21.62 7.68 -50.77
C GLU B 110 20.35 8.20 -51.43
N VAL B 111 19.24 8.16 -50.69
CA VAL B 111 17.97 8.63 -51.20
C VAL B 111 17.59 10.03 -50.76
N TYR B 112 17.79 10.33 -49.48
CA TYR B 112 17.44 11.64 -48.95
C TYR B 112 18.25 12.00 -47.70
N ARG B 113 18.72 13.25 -47.61
CA ARG B 113 19.50 13.63 -46.45
C ARG B 113 19.04 14.94 -45.81
N ILE B 114 19.18 15.01 -44.50
CA ILE B 114 18.82 16.21 -43.74
C ILE B 114 20.08 16.65 -42.99
N PRO B 115 20.86 17.56 -43.58
CA PRO B 115 22.08 18.03 -42.92
C PRO B 115 21.81 18.76 -41.62
N LEU B 116 22.51 18.34 -40.56
CA LEU B 116 22.33 18.96 -39.25
C LEU B 116 23.67 19.44 -38.70
N GLY B 117 24.65 19.55 -39.59
CA GLY B 117 25.97 20.02 -39.23
C GLY B 117 26.65 19.18 -38.17
N THR B 118 27.45 19.81 -37.33
CA THR B 118 28.15 19.11 -36.27
C THR B 118 28.00 19.89 -34.97
N ALA B 119 28.50 19.33 -33.89
CA ALA B 119 28.40 20.01 -32.59
C ALA B 119 29.35 21.20 -32.55
N ASP B 120 30.37 21.17 -33.39
CA ASP B 120 31.36 22.26 -33.44
C ASP B 120 31.06 23.38 -34.45
N THR B 121 30.18 23.13 -35.41
CA THR B 121 29.91 24.13 -36.42
C THR B 121 28.48 24.62 -36.57
N ARG B 122 27.53 23.94 -35.94
CA ARG B 122 26.13 24.36 -36.05
C ARG B 122 25.81 25.68 -35.35
N ALA B 123 24.81 26.36 -35.90
CA ALA B 123 24.35 27.66 -35.39
C ALA B 123 23.78 27.56 -33.98
N THR B 124 24.23 28.45 -33.11
CA THR B 124 23.77 28.50 -31.74
C THR B 124 22.24 28.61 -31.71
N PRO B 125 21.59 27.82 -30.85
CA PRO B 125 20.12 27.84 -30.75
C PRO B 125 19.59 29.21 -30.34
N GLU B 126 18.34 29.45 -30.68
CA GLU B 126 17.67 30.71 -30.40
C GLU B 126 16.68 30.63 -29.22
N HIS B 127 16.00 29.49 -29.12
CA HIS B 127 15.00 29.29 -28.07
C HIS B 127 15.49 28.68 -26.76
N THR B 128 16.77 28.32 -26.70
CA THR B 128 17.31 27.70 -25.49
C THR B 128 18.80 27.91 -25.32
N PRO B 129 19.28 27.92 -24.07
CA PRO B 129 20.72 28.10 -23.89
C PRO B 129 21.41 26.75 -23.95
N GLU B 130 20.63 25.69 -24.15
CA GLU B 130 21.16 24.33 -24.20
C GLU B 130 20.61 23.50 -25.35
N PRO B 131 21.33 23.42 -26.48
CA PRO B 131 20.78 22.62 -27.58
C PRO B 131 20.86 21.15 -27.14
N ASP B 132 20.41 20.24 -27.99
CA ASP B 132 20.46 18.82 -27.65
C ASP B 132 21.91 18.35 -27.60
N ALA B 133 22.12 17.15 -27.07
CA ALA B 133 23.46 16.58 -26.96
C ALA B 133 23.47 15.09 -27.23
N ILE B 134 24.59 14.60 -27.73
CA ILE B 134 24.70 13.18 -27.98
C ILE B 134 25.60 12.55 -26.92
N CYS B 135 24.98 11.72 -26.08
CA CYS B 135 25.69 11.07 -24.99
C CYS B 135 25.14 9.68 -24.78
N PRO B 136 25.68 8.69 -25.50
CA PRO B 136 25.18 7.32 -25.33
C PRO B 136 25.20 6.96 -23.83
N GLN B 137 24.25 6.11 -23.42
CA GLN B 137 24.08 5.74 -22.02
C GLN B 137 25.27 5.22 -21.24
N HIS B 138 26.22 4.54 -21.88
CA HIS B 138 27.37 4.06 -21.13
C HIS B 138 28.26 5.22 -20.68
N TRP B 139 28.02 6.41 -21.23
CA TRP B 139 28.77 7.60 -20.83
C TRP B 139 27.89 8.39 -19.88
N LEU B 140 26.58 8.32 -20.10
CA LEU B 140 25.64 9.04 -19.27
C LEU B 140 25.58 8.46 -17.85
N ALA B 141 25.36 7.15 -17.75
CA ALA B 141 25.27 6.47 -16.45
C ALA B 141 26.40 6.81 -15.46
N PRO B 142 27.67 6.65 -15.86
CA PRO B 142 28.78 6.95 -14.96
C PRO B 142 28.72 8.39 -14.47
N LEU B 143 28.37 9.29 -15.39
CA LEU B 143 28.29 10.71 -15.12
C LEU B 143 27.25 11.07 -14.06
N LEU B 144 26.04 10.52 -14.19
CA LEU B 144 25.00 10.83 -13.22
C LEU B 144 25.30 10.17 -11.87
N ALA B 145 25.95 9.00 -11.91
CA ALA B 145 26.28 8.28 -10.70
C ALA B 145 27.21 9.14 -9.85
N GLU B 146 28.24 9.70 -10.51
CA GLU B 146 29.21 10.52 -9.82
C GLU B 146 28.57 11.79 -9.25
N ALA B 147 27.56 12.31 -9.94
CA ALA B 147 26.88 13.52 -9.49
C ALA B 147 25.95 13.22 -8.33
N VAL B 148 25.32 12.03 -8.34
CA VAL B 148 24.41 11.64 -7.27
C VAL B 148 25.23 11.22 -6.05
N GLY B 149 26.39 10.63 -6.31
CA GLY B 149 27.27 10.20 -5.25
C GLY B 149 26.83 9.05 -4.37
N GLU B 150 27.14 9.17 -3.08
CA GLU B 150 26.84 8.17 -2.08
C GLU B 150 25.35 7.83 -1.96
N ARG B 151 24.47 8.77 -2.32
CA ARG B 151 23.02 8.55 -2.23
C ARG B 151 22.53 7.36 -3.10
N LEU B 152 23.31 6.96 -4.09
CA LEU B 152 22.93 5.84 -4.95
C LEU B 152 23.43 4.51 -4.39
N ARG B 153 22.55 3.51 -4.40
CA ARG B 153 22.90 2.17 -3.90
C ARG B 153 22.69 1.11 -4.97
N THR B 154 23.78 0.66 -5.59
CA THR B 154 23.71 -0.36 -6.63
C THR B 154 23.60 -1.78 -6.06
N ARG B 155 23.38 -2.75 -6.93
CA ARG B 155 23.25 -4.14 -6.53
C ARG B 155 22.22 -4.27 -5.42
N SER B 156 21.20 -3.41 -5.44
CA SER B 156 20.15 -3.41 -4.44
C SER B 156 18.77 -3.57 -5.06
N ARG B 157 18.13 -4.69 -4.79
CA ARG B 157 16.81 -4.98 -5.34
C ARG B 157 15.70 -4.85 -4.31
N LEU B 158 14.68 -4.06 -4.62
CA LEU B 158 13.55 -3.89 -3.71
C LEU B 158 12.62 -5.06 -3.98
N ASP B 159 12.18 -5.75 -2.93
CA ASP B 159 11.32 -6.94 -3.07
C ASP B 159 9.83 -6.71 -2.83
N SER B 160 9.52 -5.87 -1.86
CA SER B 160 8.13 -5.61 -1.55
C SER B 160 8.07 -4.28 -0.82
N PHE B 161 6.85 -3.79 -0.60
CA PHE B 161 6.65 -2.55 0.11
C PHE B 161 5.27 -2.59 0.70
N GLU B 162 5.07 -1.84 1.78
CA GLU B 162 3.77 -1.76 2.42
C GLU B 162 3.54 -0.32 2.81
N GLN B 163 2.37 0.21 2.51
CA GLN B 163 2.07 1.57 2.89
C GLN B 163 1.50 1.58 4.30
N ARG B 164 1.97 2.53 5.10
CA ARG B 164 1.47 2.71 6.45
C ARG B 164 0.68 4.01 6.39
N ASP B 165 0.26 4.55 7.53
CA ASP B 165 -0.53 5.77 7.52
C ASP B 165 0.24 7.05 7.28
N ASP B 166 1.55 7.04 7.55
CA ASP B 166 2.34 8.25 7.38
C ASP B 166 3.66 7.97 6.66
N HIS B 167 3.85 6.75 6.19
CA HIS B 167 5.07 6.41 5.47
C HIS B 167 4.90 5.13 4.66
N VAL B 168 6.00 4.65 4.09
CA VAL B 168 6.00 3.43 3.29
C VAL B 168 7.20 2.60 3.71
N ARG B 169 6.99 1.30 3.90
CA ARG B 169 8.08 0.41 4.28
C ARG B 169 8.49 -0.44 3.08
N ALA B 170 9.79 -0.68 2.94
CA ALA B 170 10.29 -1.49 1.84
C ALA B 170 11.39 -2.43 2.32
N THR B 171 11.48 -3.60 1.70
CA THR B 171 12.51 -4.57 2.04
C THR B 171 13.47 -4.63 0.87
N ILE B 172 14.73 -4.27 1.12
CA ILE B 172 15.75 -4.27 0.08
C ILE B 172 16.73 -5.44 0.26
N THR B 173 17.09 -6.09 -0.83
CA THR B 173 18.03 -7.22 -0.79
C THR B 173 19.36 -6.85 -1.44
N ASP B 174 20.45 -6.96 -0.70
CA ASP B 174 21.77 -6.70 -1.25
C ASP B 174 22.08 -7.90 -2.12
N LEU B 175 22.06 -7.72 -3.44
CA LEU B 175 22.31 -8.82 -4.36
C LEU B 175 23.74 -9.38 -4.35
N ARG B 176 24.68 -8.62 -3.80
CA ARG B 176 26.06 -9.08 -3.74
C ARG B 176 26.28 -10.08 -2.60
N THR B 177 25.66 -9.82 -1.44
CA THR B 177 25.81 -10.68 -0.25
C THR B 177 24.53 -11.41 0.15
N GLY B 178 23.41 -11.08 -0.49
CA GLY B 178 22.16 -11.74 -0.16
C GLY B 178 21.50 -11.23 1.12
N ALA B 179 22.15 -10.29 1.80
CA ALA B 179 21.62 -9.71 3.03
C ALA B 179 20.40 -8.82 2.73
N THR B 180 19.53 -8.62 3.72
CA THR B 180 18.35 -7.78 3.51
C THR B 180 18.18 -6.70 4.57
N ARG B 181 17.63 -5.56 4.17
CA ARG B 181 17.41 -4.45 5.09
C ARG B 181 16.10 -3.71 4.82
N ALA B 182 15.64 -2.95 5.80
CA ALA B 182 14.39 -2.22 5.66
C ALA B 182 14.60 -0.72 5.56
N VAL B 183 13.79 -0.09 4.73
CA VAL B 183 13.84 1.36 4.54
C VAL B 183 12.44 1.92 4.78
N HIS B 184 12.39 2.99 5.56
CA HIS B 184 11.13 3.65 5.86
C HIS B 184 11.18 5.06 5.29
N ALA B 185 10.50 5.27 4.16
CA ALA B 185 10.50 6.59 3.54
C ALA B 185 9.13 7.23 3.65
N ARG B 186 9.09 8.56 3.67
CA ARG B 186 7.82 9.24 3.71
C ARG B 186 7.12 9.04 2.35
N TYR B 187 7.92 8.79 1.31
CA TYR B 187 7.40 8.55 -0.04
C TYR B 187 8.25 7.57 -0.85
N LEU B 188 7.61 6.71 -1.61
CA LEU B 188 8.32 5.77 -2.46
C LEU B 188 7.95 6.17 -3.88
N VAL B 189 8.97 6.49 -4.68
CA VAL B 189 8.73 6.84 -6.08
C VAL B 189 9.30 5.73 -6.94
N ALA B 190 8.44 5.07 -7.70
CA ALA B 190 8.88 3.99 -8.54
C ALA B 190 9.26 4.45 -9.94
N CYS B 191 10.54 4.26 -10.24
CA CYS B 191 11.13 4.60 -11.53
C CYS B 191 11.67 3.26 -12.03
N ASP B 192 10.85 2.22 -11.89
CA ASP B 192 11.28 0.88 -12.29
C ASP B 192 11.01 0.39 -13.71
N GLY B 193 10.80 1.31 -14.64
CA GLY B 193 10.60 0.90 -16.03
C GLY B 193 9.20 0.57 -16.51
N ALA B 194 9.12 0.23 -17.79
CA ALA B 194 7.87 -0.11 -18.46
C ALA B 194 7.11 -1.29 -17.85
N SER B 195 7.82 -2.32 -17.44
CA SER B 195 7.17 -3.49 -16.84
C SER B 195 7.03 -3.33 -15.32
N SER B 196 6.98 -2.08 -14.87
CA SER B 196 6.87 -1.72 -13.47
C SER B 196 6.07 -2.65 -12.56
N PRO B 197 6.77 -3.42 -11.72
CA PRO B 197 6.08 -4.33 -10.81
C PRO B 197 5.20 -3.53 -9.85
N THR B 198 5.66 -2.34 -9.48
CA THR B 198 4.91 -1.47 -8.56
C THR B 198 3.54 -1.12 -9.11
N ARG B 199 3.50 -0.68 -10.37
CA ARG B 199 2.24 -0.31 -11.01
C ARG B 199 1.28 -1.49 -10.88
N LYS B 200 1.73 -2.66 -11.33
CA LYS B 200 0.93 -3.89 -11.26
C LYS B 200 0.49 -4.18 -9.84
N ALA B 201 1.45 -4.10 -8.91
CA ALA B 201 1.19 -4.33 -7.50
C ALA B 201 0.19 -3.34 -6.91
N LEU B 202 0.10 -2.14 -7.49
CA LEU B 202 -0.84 -1.13 -7.01
C LEU B 202 -2.18 -1.34 -7.70
N GLY B 203 -2.24 -2.33 -8.59
CA GLY B 203 -3.45 -2.63 -9.31
C GLY B 203 -3.78 -1.61 -10.40
N ILE B 204 -2.76 -0.92 -10.91
CA ILE B 204 -2.95 0.08 -11.95
C ILE B 204 -2.62 -0.46 -13.35
N ASP B 205 -3.46 -0.14 -14.32
CA ASP B 205 -3.25 -0.59 -15.70
C ASP B 205 -2.73 0.52 -16.59
N ALA B 206 -2.01 0.11 -17.64
CA ALA B 206 -1.46 1.03 -18.62
C ALA B 206 -1.84 0.38 -19.94
N PRO B 207 -3.09 0.63 -20.39
CA PRO B 207 -3.63 0.08 -21.64
C PRO B 207 -2.93 0.54 -22.92
N PRO B 208 -2.65 -0.41 -23.81
CA PRO B 208 -1.98 -0.17 -25.11
C PRO B 208 -2.79 0.79 -25.98
N ARG B 209 -2.19 1.93 -26.33
CA ARG B 209 -2.86 2.94 -27.14
C ARG B 209 -2.77 2.64 -28.63
N HIS B 210 -1.83 1.76 -29.00
CA HIS B 210 -1.62 1.35 -30.38
C HIS B 210 -0.96 -0.01 -30.32
N ARG B 211 -0.92 -0.72 -31.43
CA ARG B 211 -0.33 -2.04 -31.47
C ARG B 211 1.12 -2.08 -31.00
N THR B 212 1.44 -3.07 -30.17
CA THR B 212 2.78 -3.26 -29.67
C THR B 212 3.59 -3.94 -30.77
N GLN B 213 4.83 -3.50 -30.98
CA GLN B 213 5.65 -4.11 -32.01
C GLN B 213 6.89 -4.77 -31.41
N VAL B 214 7.46 -5.71 -32.16
CA VAL B 214 8.66 -6.41 -31.68
C VAL B 214 9.83 -6.07 -32.60
N PHE B 215 10.96 -5.72 -31.99
CA PHE B 215 12.16 -5.36 -32.73
C PHE B 215 13.37 -6.01 -32.06
N ARG B 216 14.47 -6.06 -32.81
CA ARG B 216 15.74 -6.57 -32.34
C ARG B 216 16.73 -5.46 -32.60
N ASN B 217 17.58 -5.17 -31.63
CA ASN B 217 18.60 -4.15 -31.77
C ASN B 217 19.96 -4.82 -31.72
N ILE B 218 20.71 -4.71 -32.81
CA ILE B 218 22.03 -5.31 -32.87
C ILE B 218 23.13 -4.27 -32.66
N LEU B 219 23.86 -4.40 -31.56
CA LEU B 219 24.97 -3.49 -31.25
C LEU B 219 26.22 -4.12 -31.81
N PHE B 220 26.98 -3.36 -32.60
CA PHE B 220 28.20 -3.89 -33.18
C PHE B 220 29.29 -2.83 -33.26
N ARG B 221 30.51 -3.28 -33.54
CA ARG B 221 31.66 -2.39 -33.65
C ARG B 221 32.25 -2.48 -35.05
N ALA B 222 32.45 -1.33 -35.68
CA ALA B 222 33.03 -1.29 -37.02
C ALA B 222 34.10 -0.20 -37.04
N PRO B 223 35.31 -0.53 -36.56
CA PRO B 223 36.48 0.36 -36.48
C PRO B 223 36.80 1.24 -37.68
N GLU B 224 36.47 0.78 -38.89
CA GLU B 224 36.81 1.54 -40.08
C GLU B 224 35.63 2.08 -40.89
N LEU B 225 34.41 1.88 -40.40
CA LEU B 225 33.24 2.33 -41.13
C LEU B 225 33.25 3.85 -41.35
N ARG B 226 33.66 4.63 -40.35
CA ARG B 226 33.67 6.07 -40.53
C ARG B 226 34.65 6.53 -41.59
N SER B 227 35.84 5.93 -41.64
CA SER B 227 36.83 6.31 -42.65
C SER B 227 36.36 5.97 -44.07
N LEU B 228 35.54 4.93 -44.20
CA LEU B 228 35.02 4.52 -45.50
C LEU B 228 33.89 5.45 -45.91
N LEU B 229 33.04 5.79 -44.94
CA LEU B 229 31.92 6.68 -45.21
C LEU B 229 32.41 8.04 -45.68
N GLY B 230 33.48 8.51 -45.06
CA GLY B 230 34.04 9.80 -45.43
C GLY B 230 33.07 10.94 -45.23
N GLU B 231 32.96 11.80 -46.24
CA GLU B 231 32.06 12.95 -46.19
C GLU B 231 30.59 12.57 -46.19
N ARG B 232 30.31 11.28 -46.03
CA ARG B 232 28.92 10.82 -46.04
C ARG B 232 28.47 10.22 -44.72
N ALA B 233 29.30 10.32 -43.69
CA ALA B 233 28.93 9.79 -42.39
C ALA B 233 27.68 10.51 -41.91
N ALA B 234 26.97 9.88 -40.97
CA ALA B 234 25.75 10.45 -40.44
C ALA B 234 25.49 9.90 -39.05
N LEU B 235 24.54 10.50 -38.35
CA LEU B 235 24.16 10.03 -37.01
C LEU B 235 23.15 8.90 -37.17
N PHE B 236 22.17 9.09 -38.05
CA PHE B 236 21.16 8.08 -38.31
C PHE B 236 21.15 7.70 -39.78
N PHE B 237 21.11 6.40 -40.03
CA PHE B 237 21.01 5.90 -41.39
C PHE B 237 19.71 5.11 -41.43
N PHE B 238 18.67 5.73 -41.98
CA PHE B 238 17.38 5.06 -42.10
C PHE B 238 17.51 4.16 -43.32
N LEU B 239 17.32 2.87 -43.12
CA LEU B 239 17.42 1.93 -44.22
C LEU B 239 16.09 1.82 -44.98
N MET B 240 16.19 1.38 -46.24
CA MET B 240 15.02 1.18 -47.09
C MET B 240 15.33 -0.07 -47.92
N LEU B 241 15.63 -1.16 -47.22
CA LEU B 241 15.99 -2.42 -47.83
C LEU B 241 14.88 -3.47 -47.81
N SER B 242 14.14 -3.54 -46.70
CA SER B 242 13.04 -4.51 -46.60
C SER B 242 12.10 -4.20 -45.46
N SER B 243 11.05 -5.03 -45.33
CA SER B 243 10.05 -4.86 -44.27
C SER B 243 10.72 -5.00 -42.91
N SER B 244 11.80 -5.77 -42.88
CA SER B 244 12.55 -5.98 -41.65
C SER B 244 13.64 -4.90 -41.51
N LEU B 245 14.35 -4.63 -42.60
CA LEU B 245 15.42 -3.64 -42.60
C LEU B 245 15.00 -2.31 -43.22
N ARG B 246 14.08 -1.62 -42.55
CA ARG B 246 13.56 -0.32 -42.98
C ARG B 246 13.63 0.63 -41.77
N PHE B 247 14.61 0.37 -40.91
CA PHE B 247 14.78 1.14 -39.69
C PHE B 247 16.20 1.67 -39.55
N PRO B 248 16.40 2.67 -38.66
CA PRO B 248 17.70 3.29 -38.41
C PRO B 248 18.88 2.49 -37.89
N LEU B 249 20.03 2.77 -38.49
CA LEU B 249 21.29 2.17 -38.09
C LEU B 249 21.95 3.43 -37.52
N ARG B 250 22.26 3.43 -36.23
CA ARG B 250 22.82 4.61 -35.57
C ARG B 250 24.27 4.60 -35.13
N ALA B 251 24.90 5.76 -35.23
CA ALA B 251 26.28 5.95 -34.78
C ALA B 251 26.15 6.37 -33.32
N LEU B 252 26.40 5.43 -32.42
CA LEU B 252 26.28 5.66 -30.98
C LEU B 252 27.29 6.58 -30.34
N ASP B 253 28.57 6.32 -30.57
CA ASP B 253 29.60 7.14 -29.98
C ASP B 253 30.46 7.82 -31.02
N GLY B 254 30.09 7.66 -32.29
CA GLY B 254 30.83 8.27 -33.37
C GLY B 254 32.30 7.91 -33.35
N ARG B 255 32.65 6.83 -32.68
CA ARG B 255 34.04 6.42 -32.59
C ARG B 255 34.20 4.92 -32.84
N GLY B 256 33.20 4.31 -33.47
CA GLY B 256 33.28 2.88 -33.74
C GLY B 256 32.10 2.05 -33.27
N LEU B 257 31.24 2.62 -32.45
CA LEU B 257 30.06 1.90 -31.96
C LEU B 257 28.81 2.23 -32.77
N TYR B 258 28.15 1.20 -33.30
CA TYR B 258 26.95 1.38 -34.12
C TYR B 258 25.82 0.48 -33.62
N ARG B 259 24.60 0.72 -34.09
CA ARG B 259 23.45 -0.06 -33.68
C ARG B 259 22.35 -0.11 -34.74
N LEU B 260 21.98 -1.32 -35.14
CA LEU B 260 20.93 -1.52 -36.16
C LEU B 260 19.66 -2.07 -35.53
N THR B 261 18.52 -1.43 -35.80
CA THR B 261 17.27 -1.93 -35.25
C THR B 261 16.56 -2.72 -36.36
N VAL B 262 16.11 -3.91 -36.01
CA VAL B 262 15.42 -4.78 -36.96
C VAL B 262 14.02 -5.15 -36.48
N GLY B 263 13.04 -5.00 -37.36
CA GLY B 263 11.68 -5.32 -37.00
C GLY B 263 11.45 -6.80 -37.19
N VAL B 264 10.63 -7.40 -36.34
CA VAL B 264 10.35 -8.83 -36.46
C VAL B 264 8.85 -9.09 -36.56
N ASP B 265 8.49 -9.98 -37.48
CA ASP B 265 7.08 -10.31 -37.70
C ASP B 265 6.82 -11.81 -37.52
N THR B 271 12.91 -13.80 -36.76
CA THR B 271 14.23 -13.56 -36.19
C THR B 271 15.30 -14.32 -36.97
N MET B 272 16.21 -13.57 -37.60
CA MET B 272 17.29 -14.17 -38.40
C MET B 272 18.61 -14.26 -37.63
N ASP B 273 19.71 -13.94 -38.30
CA ASP B 273 21.04 -14.02 -37.70
C ASP B 273 21.75 -12.67 -37.59
N SER B 274 22.16 -12.33 -36.37
CA SER B 274 22.86 -11.08 -36.07
C SER B 274 23.81 -10.63 -37.17
N PHE B 275 24.98 -11.25 -37.21
CA PHE B 275 25.99 -10.89 -38.20
C PHE B 275 25.41 -10.68 -39.59
N GLU B 276 24.64 -11.66 -40.09
CA GLU B 276 24.05 -11.54 -41.42
C GLU B 276 23.16 -10.31 -41.58
N LEU B 277 22.28 -10.08 -40.61
CA LEU B 277 21.40 -8.92 -40.65
C LEU B 277 22.20 -7.64 -40.83
N VAL B 278 23.32 -7.54 -40.12
CA VAL B 278 24.18 -6.36 -40.21
C VAL B 278 24.93 -6.34 -41.54
N ARG B 279 25.39 -7.50 -41.97
CA ARG B 279 26.12 -7.61 -43.24
C ARG B 279 25.22 -7.15 -44.39
N ARG B 280 23.92 -7.41 -44.28
CA ARG B 280 22.98 -7.00 -45.32
C ARG B 280 22.82 -5.47 -45.38
N ALA B 281 22.75 -4.84 -44.22
CA ALA B 281 22.57 -3.38 -44.12
C ALA B 281 23.82 -2.58 -44.45
N VAL B 282 24.99 -3.20 -44.37
CA VAL B 282 26.24 -2.50 -44.66
C VAL B 282 26.96 -3.09 -45.88
N ALA B 283 27.07 -2.30 -46.93
CA ALA B 283 27.70 -2.73 -48.17
C ALA B 283 29.20 -3.03 -48.03
N PHE B 284 29.95 -2.04 -47.57
CA PHE B 284 31.40 -2.15 -47.39
C PHE B 284 31.91 -3.49 -46.86
N ASP B 285 33.07 -3.90 -47.33
CA ASP B 285 33.70 -5.12 -46.87
C ASP B 285 34.64 -4.64 -45.76
N THR B 286 34.15 -4.65 -44.52
CA THR B 286 34.93 -4.16 -43.41
C THR B 286 34.67 -4.96 -42.13
N GLU B 287 35.57 -4.82 -41.17
CA GLU B 287 35.50 -5.51 -39.89
C GLU B 287 34.20 -5.21 -39.16
N ILE B 288 33.49 -6.26 -38.76
CA ILE B 288 32.23 -6.11 -38.02
C ILE B 288 32.22 -7.09 -36.84
N GLU B 289 32.20 -6.54 -35.63
CA GLU B 289 32.21 -7.33 -34.40
C GLU B 289 30.88 -7.12 -33.65
N VAL B 290 29.97 -8.08 -33.78
CA VAL B 290 28.68 -7.99 -33.11
C VAL B 290 28.93 -8.16 -31.60
N LEU B 291 28.28 -7.31 -30.81
CA LEU B 291 28.47 -7.33 -29.36
C LEU B 291 27.23 -7.74 -28.58
N SER B 292 26.05 -7.47 -29.14
CA SER B 292 24.81 -7.78 -28.45
C SER B 292 23.64 -7.83 -29.41
N ASP B 293 22.65 -8.66 -29.09
CA ASP B 293 21.46 -8.81 -29.92
C ASP B 293 20.26 -8.78 -28.98
N SER B 294 19.75 -7.59 -28.70
CA SER B 294 18.62 -7.43 -27.79
C SER B 294 17.25 -7.27 -28.48
N GLU B 295 16.27 -8.04 -28.01
CA GLU B 295 14.91 -7.96 -28.55
C GLU B 295 14.10 -7.07 -27.62
N TRP B 296 13.31 -6.17 -28.19
CA TRP B 296 12.50 -5.29 -27.34
C TRP B 296 11.13 -5.06 -27.94
N HIS B 297 10.23 -4.55 -27.12
CA HIS B 297 8.88 -4.26 -27.53
C HIS B 297 8.64 -2.75 -27.55
N LEU B 298 8.14 -2.26 -28.68
CA LEU B 298 7.82 -0.85 -28.85
C LEU B 298 6.36 -0.74 -28.39
N THR B 299 6.13 -0.01 -27.30
CA THR B 299 4.78 0.11 -26.75
C THR B 299 4.29 1.54 -26.57
N HIS B 300 2.98 1.68 -26.39
CA HIS B 300 2.35 2.98 -26.21
C HIS B 300 1.50 2.88 -24.93
N ARG B 301 2.16 2.74 -23.79
CA ARG B 301 1.44 2.61 -22.53
C ARG B 301 1.57 3.80 -21.58
N VAL B 302 0.43 4.30 -21.12
CA VAL B 302 0.39 5.40 -20.17
C VAL B 302 -0.48 4.89 -19.04
N ALA B 303 0.01 5.03 -17.81
CA ALA B 303 -0.74 4.56 -16.64
C ALA B 303 -2.03 5.32 -16.47
N ASP B 304 -3.09 4.62 -16.04
CA ASP B 304 -4.41 5.21 -15.82
C ASP B 304 -4.34 6.20 -14.66
N SER B 305 -3.58 5.85 -13.63
CA SER B 305 -3.42 6.69 -12.46
C SER B 305 -1.91 6.79 -12.24
N PHE B 306 -1.43 7.89 -11.66
CA PHE B 306 0.01 8.07 -11.45
C PHE B 306 0.49 7.89 -10.01
N SER B 307 -0.43 7.56 -9.12
CA SER B 307 -0.06 7.36 -7.72
C SER B 307 -1.16 6.64 -6.98
N ALA B 308 -0.87 6.30 -5.73
CA ALA B 308 -1.81 5.61 -4.86
C ALA B 308 -1.24 5.76 -3.46
N GLY B 309 -1.81 6.67 -2.69
CA GLY B 309 -1.32 6.89 -1.34
C GLY B 309 0.00 7.61 -1.38
N ARG B 310 1.02 7.03 -0.78
CA ARG B 310 2.35 7.63 -0.75
C ARG B 310 3.31 7.03 -1.78
N VAL B 311 2.78 6.25 -2.71
CA VAL B 311 3.59 5.62 -3.74
C VAL B 311 3.31 6.27 -5.10
N PHE B 312 4.36 6.74 -5.76
CA PHE B 312 4.24 7.40 -7.06
C PHE B 312 4.96 6.67 -8.19
N LEU B 313 4.53 6.98 -9.42
CA LEU B 313 5.10 6.38 -10.63
C LEU B 313 5.67 7.49 -11.52
N THR B 314 6.88 7.28 -12.03
CA THR B 314 7.53 8.25 -12.91
C THR B 314 8.37 7.50 -13.93
N GLY B 315 8.67 8.18 -15.05
CA GLY B 315 9.45 7.55 -16.10
C GLY B 315 8.58 6.57 -16.86
N ASP B 316 9.20 5.50 -17.35
CA ASP B 316 8.48 4.47 -18.10
C ASP B 316 7.40 3.72 -17.31
N ALA B 317 7.58 3.64 -15.99
CA ALA B 317 6.61 2.96 -15.15
C ALA B 317 5.28 3.71 -15.25
N ALA B 318 5.37 5.00 -15.53
CA ALA B 318 4.18 5.84 -15.66
C ALA B 318 3.79 6.06 -17.13
N HIS B 319 4.77 6.10 -18.02
CA HIS B 319 4.43 6.32 -19.43
C HIS B 319 5.55 5.99 -20.40
N THR B 320 5.21 5.17 -21.38
CA THR B 320 6.15 4.76 -22.41
C THR B 320 5.57 5.23 -23.75
N LEU B 321 6.43 5.38 -24.75
CA LEU B 321 6.01 5.78 -26.09
C LEU B 321 7.03 5.31 -27.10
N SER B 322 6.75 5.52 -28.38
CA SER B 322 7.65 5.12 -29.46
C SER B 322 8.91 5.98 -29.44
N PRO B 323 10.09 5.36 -29.62
CA PRO B 323 11.36 6.09 -29.62
C PRO B 323 11.55 6.99 -30.85
N SER B 324 10.66 6.86 -31.84
CA SER B 324 10.73 7.66 -33.05
C SER B 324 10.51 9.14 -32.72
N GLY B 325 11.60 9.84 -32.48
CA GLY B 325 11.52 11.24 -32.11
C GLY B 325 12.40 11.49 -30.90
N GLY B 326 12.68 10.43 -30.14
CA GLY B 326 13.52 10.53 -28.96
C GLY B 326 12.90 11.29 -27.80
N PHE B 327 11.64 11.00 -27.49
CA PHE B 327 10.95 11.69 -26.40
C PHE B 327 10.86 10.91 -25.10
N GLY B 328 11.23 9.62 -25.13
CA GLY B 328 11.16 8.78 -23.94
C GLY B 328 11.72 9.34 -22.65
N MET B 329 13.04 9.28 -22.51
CA MET B 329 13.73 9.76 -21.31
C MET B 329 13.48 11.24 -21.04
N ASN B 330 13.20 12.02 -22.08
CA ASN B 330 12.99 13.44 -21.87
C ASN B 330 11.66 13.71 -21.19
N THR B 331 10.61 13.01 -21.63
CA THR B 331 9.30 13.18 -21.03
C THR B 331 9.44 12.72 -19.57
N GLY B 332 10.21 11.65 -19.39
CA GLY B 332 10.44 11.11 -18.06
C GLY B 332 11.17 12.07 -17.15
N ILE B 333 12.23 12.70 -17.65
CA ILE B 333 12.99 13.65 -16.82
C ILE B 333 12.11 14.85 -16.44
N GLY B 334 11.29 15.30 -17.38
CA GLY B 334 10.41 16.43 -17.12
C GLY B 334 9.35 16.11 -16.07
N SER B 335 8.92 14.84 -16.02
CA SER B 335 7.93 14.44 -15.02
C SER B 335 8.60 14.34 -13.66
N ALA B 336 9.86 13.92 -13.69
CA ALA B 336 10.66 13.79 -12.47
C ALA B 336 10.88 15.17 -11.86
N ALA B 337 11.17 16.16 -12.69
CA ALA B 337 11.38 17.51 -12.20
C ALA B 337 10.07 18.06 -11.62
N ASP B 338 8.95 17.73 -12.24
CA ASP B 338 7.65 18.19 -11.75
C ASP B 338 7.35 17.59 -10.36
N LEU B 339 7.44 16.27 -10.25
CA LEU B 339 7.18 15.59 -8.98
C LEU B 339 8.18 16.04 -7.92
N GLY B 340 9.42 16.29 -8.34
CA GLY B 340 10.45 16.72 -7.43
C GLY B 340 10.10 17.95 -6.62
N TRP B 341 9.70 19.04 -7.27
CA TRP B 341 9.39 20.24 -6.50
C TRP B 341 8.09 20.10 -5.72
N LYS B 342 7.19 19.23 -6.18
CA LYS B 342 5.93 19.05 -5.47
C LYS B 342 6.14 18.23 -4.20
N LEU B 343 7.04 17.24 -4.24
CA LEU B 343 7.33 16.43 -3.06
C LEU B 343 8.02 17.32 -2.00
N ALA B 344 9.00 18.11 -2.44
CA ALA B 344 9.74 19.01 -1.54
C ALA B 344 8.80 20.02 -0.88
N ALA B 345 7.96 20.67 -1.68
CA ALA B 345 7.01 21.65 -1.16
C ALA B 345 6.20 20.99 -0.03
N THR B 346 5.72 19.77 -0.29
CA THR B 346 4.95 19.05 0.70
C THR B 346 5.78 18.76 1.96
N LEU B 347 6.99 18.27 1.77
CA LEU B 347 7.86 17.94 2.90
C LEU B 347 8.26 19.18 3.71
N ARG B 348 8.47 20.30 3.04
CA ARG B 348 8.85 21.53 3.73
C ARG B 348 7.67 22.12 4.50
N GLY B 349 6.47 21.72 4.12
CA GLY B 349 5.28 22.21 4.81
C GLY B 349 4.42 23.31 4.18
N TRP B 350 4.90 23.96 3.12
CA TRP B 350 4.08 25.02 2.53
C TRP B 350 3.17 24.58 1.38
N ALA B 351 3.34 23.33 0.95
CA ALA B 351 2.50 22.83 -0.12
C ALA B 351 1.05 22.72 0.34
N GLY B 352 0.14 22.81 -0.62
CA GLY B 352 -1.27 22.68 -0.31
C GLY B 352 -1.56 21.19 -0.37
N PRO B 353 -2.57 20.72 0.37
CA PRO B 353 -2.92 19.28 0.39
C PRO B 353 -3.16 18.68 -1.00
N GLY B 354 -3.47 19.51 -1.98
CA GLY B 354 -3.74 19.00 -3.31
C GLY B 354 -2.59 19.06 -4.29
N LEU B 355 -1.47 19.64 -3.89
CA LEU B 355 -0.33 19.78 -4.79
C LEU B 355 0.09 18.45 -5.44
N LEU B 356 0.40 17.45 -4.61
CA LEU B 356 0.84 16.17 -5.15
C LEU B 356 -0.11 15.60 -6.20
N ALA B 357 -1.41 15.83 -6.01
CA ALA B 357 -2.41 15.33 -6.94
C ALA B 357 -2.20 15.92 -8.33
N THR B 358 -1.70 17.15 -8.40
CA THR B 358 -1.49 17.81 -9.70
C THR B 358 -0.38 17.17 -10.52
N TYR B 359 0.39 16.27 -9.92
CA TYR B 359 1.45 15.61 -10.67
C TYR B 359 0.81 14.87 -11.86
N GLU B 360 -0.17 14.02 -11.55
CA GLU B 360 -0.88 13.23 -12.56
C GLU B 360 -1.66 14.15 -13.49
N GLU B 361 -2.34 15.13 -12.89
CA GLU B 361 -3.16 16.09 -13.60
C GLU B 361 -2.40 16.78 -14.74
N GLU B 362 -1.20 17.25 -14.42
CA GLU B 362 -0.38 17.97 -15.39
C GLU B 362 0.50 17.11 -16.30
N ARG B 363 1.15 16.09 -15.74
CA ARG B 363 2.04 15.25 -16.55
C ARG B 363 1.40 14.19 -17.42
N ARG B 364 0.31 13.59 -16.94
CA ARG B 364 -0.33 12.55 -17.73
C ARG B 364 -0.79 13.08 -19.09
N PRO B 365 -1.43 14.26 -19.12
CA PRO B 365 -1.86 14.78 -20.43
C PRO B 365 -0.65 14.94 -21.35
N VAL B 366 0.45 15.43 -20.80
CA VAL B 366 1.69 15.62 -21.55
C VAL B 366 2.24 14.32 -22.14
N ALA B 367 2.17 13.26 -21.35
CA ALA B 367 2.67 11.97 -21.81
C ALA B 367 1.83 11.46 -22.98
N ILE B 368 0.53 11.71 -22.92
CA ILE B 368 -0.39 11.27 -23.97
C ILE B 368 -0.05 12.03 -25.25
N THR B 369 0.15 13.34 -25.10
CA THR B 369 0.49 14.17 -26.25
C THR B 369 1.77 13.68 -26.92
N SER B 370 2.82 13.50 -26.14
CA SER B 370 4.10 13.04 -26.69
C SER B 370 4.00 11.66 -27.33
N LEU B 371 3.08 10.85 -26.83
CA LEU B 371 2.87 9.50 -27.35
C LEU B 371 2.28 9.57 -28.76
N GLU B 372 1.25 10.39 -28.93
CA GLU B 372 0.63 10.50 -30.25
C GLU B 372 1.63 11.03 -31.29
N GLU B 373 2.34 12.10 -30.96
CA GLU B 373 3.32 12.66 -31.88
C GLU B 373 4.33 11.57 -32.27
N ALA B 374 4.86 10.87 -31.27
CA ALA B 374 5.82 9.81 -31.51
C ALA B 374 5.25 8.76 -32.45
N ASN B 375 3.98 8.39 -32.23
CA ASN B 375 3.33 7.41 -33.09
C ASN B 375 3.25 7.91 -34.53
N VAL B 376 3.08 9.22 -34.70
CA VAL B 376 3.02 9.82 -36.03
C VAL B 376 4.31 9.49 -36.77
N ASN B 377 5.43 9.84 -36.15
CA ASN B 377 6.74 9.58 -36.74
C ASN B 377 6.88 8.12 -37.08
N LEU B 378 6.33 7.26 -36.23
CA LEU B 378 6.42 5.82 -36.45
C LEU B 378 5.63 5.38 -37.68
N ARG B 379 4.37 5.82 -37.75
CA ARG B 379 3.52 5.44 -38.87
C ARG B 379 4.09 5.94 -40.19
N ARG B 380 4.70 7.11 -40.16
CA ARG B 380 5.29 7.70 -41.35
C ARG B 380 6.23 6.70 -42.00
N THR B 381 7.02 6.01 -41.18
CA THR B 381 7.97 5.02 -41.68
C THR B 381 7.28 3.69 -42.00
N MET B 382 6.29 3.33 -41.19
CA MET B 382 5.57 2.08 -41.40
C MET B 382 4.71 2.10 -42.68
N ASP B 383 4.10 3.25 -42.98
CA ASP B 383 3.27 3.38 -44.18
C ASP B 383 4.09 3.50 -45.46
N ARG B 384 5.17 4.27 -45.38
CA ARG B 384 6.08 4.51 -46.50
C ARG B 384 6.38 3.24 -47.33
N GLU B 385 6.05 3.29 -48.62
CA GLU B 385 6.27 2.16 -49.51
C GLU B 385 7.67 2.09 -50.10
N LEU B 386 8.16 0.88 -50.33
CA LEU B 386 9.48 0.68 -50.92
C LEU B 386 9.26 0.23 -52.37
N PRO B 387 9.22 1.20 -53.31
CA PRO B 387 9.01 0.93 -54.74
C PRO B 387 9.82 -0.25 -55.28
N PRO B 388 9.19 -1.10 -56.12
CA PRO B 388 9.79 -2.29 -56.73
C PRO B 388 11.22 -2.08 -57.24
N GLY B 389 11.43 -1.02 -58.01
CA GLY B 389 12.75 -0.74 -58.54
C GLY B 389 13.32 0.49 -57.88
N LEU B 390 14.19 0.29 -56.88
CA LEU B 390 14.80 1.40 -56.16
C LEU B 390 16.29 1.19 -55.93
N HIS B 391 16.70 -0.07 -55.91
CA HIS B 391 18.10 -0.42 -55.68
C HIS B 391 18.91 -0.59 -56.96
N ASP B 392 18.30 -0.29 -58.10
CA ASP B 392 18.99 -0.44 -59.37
C ASP B 392 20.07 0.61 -59.55
N ASP B 393 21.18 0.21 -60.17
CA ASP B 393 22.31 1.09 -60.42
C ASP B 393 22.14 1.88 -61.71
N GLY B 394 21.08 1.59 -62.46
CA GLY B 394 20.84 2.28 -63.72
C GLY B 394 20.26 3.66 -63.57
N PRO B 395 19.90 4.31 -64.69
CA PRO B 395 19.34 5.66 -64.63
C PRO B 395 18.00 5.66 -63.88
N ARG B 396 17.36 4.50 -63.83
CA ARG B 396 16.09 4.37 -63.12
C ARG B 396 16.35 4.70 -61.67
N GLY B 397 17.43 4.16 -61.13
CA GLY B 397 17.78 4.41 -59.75
C GLY B 397 17.58 5.88 -59.42
N GLU B 398 18.46 6.73 -59.93
CA GLU B 398 18.37 8.16 -59.67
C GLU B 398 16.97 8.70 -60.00
N ARG B 399 16.31 8.06 -60.96
CA ARG B 399 14.98 8.46 -61.37
C ARG B 399 13.94 8.13 -60.31
N ILE B 400 13.84 6.85 -59.95
CA ILE B 400 12.88 6.41 -58.95
C ILE B 400 13.22 6.95 -57.56
N ARG B 401 14.46 6.74 -57.12
CA ARG B 401 14.89 7.19 -55.80
C ARG B 401 14.68 8.68 -55.53
N ALA B 402 15.14 9.53 -56.44
CA ALA B 402 14.98 10.97 -56.26
C ALA B 402 13.49 11.31 -56.26
N ALA B 403 12.67 10.32 -56.63
CA ALA B 403 11.22 10.49 -56.66
C ALA B 403 10.67 10.15 -55.28
N VAL B 404 11.18 9.07 -54.69
CA VAL B 404 10.76 8.65 -53.36
C VAL B 404 11.20 9.74 -52.39
N ALA B 405 12.32 10.38 -52.72
CA ALA B 405 12.87 11.45 -51.91
C ALA B 405 11.92 12.64 -51.92
N GLU B 406 11.16 12.77 -53.00
CA GLU B 406 10.20 13.86 -53.15
C GLU B 406 9.03 13.63 -52.20
N LYS B 407 8.61 12.37 -52.07
CA LYS B 407 7.51 12.03 -51.18
C LYS B 407 7.94 12.17 -49.72
N LEU B 408 9.20 11.82 -49.45
CA LEU B 408 9.74 11.92 -48.10
C LEU B 408 9.58 13.31 -47.54
N GLU B 409 10.18 14.27 -48.23
CA GLU B 409 10.13 15.66 -47.80
C GLU B 409 8.72 16.17 -47.62
N ARG B 410 7.79 15.65 -48.43
CA ARG B 410 6.39 16.07 -48.34
C ARG B 410 5.66 15.34 -47.22
N SER B 411 6.08 14.12 -46.92
CA SER B 411 5.45 13.34 -45.85
C SER B 411 5.81 13.91 -44.48
N GLY B 412 6.73 14.86 -44.45
CA GLY B 412 7.16 15.47 -43.21
C GLY B 412 8.14 14.60 -42.43
N ALA B 413 9.14 14.08 -43.13
CA ALA B 413 10.14 13.22 -42.51
C ALA B 413 11.10 13.95 -41.58
N ARG B 414 11.54 15.13 -41.98
CA ARG B 414 12.48 15.88 -41.15
C ARG B 414 11.91 16.34 -39.81
N ARG B 415 10.61 16.21 -39.63
CA ARG B 415 10.01 16.61 -38.36
C ARG B 415 10.41 15.68 -37.22
N GLU B 416 10.54 14.40 -37.53
CA GLU B 416 10.92 13.43 -36.53
C GLU B 416 12.22 13.85 -35.85
N PHE B 417 13.06 14.58 -36.57
CA PHE B 417 14.35 15.01 -36.04
C PHE B 417 14.45 16.45 -35.61
N ASP B 418 13.32 17.15 -35.58
CA ASP B 418 13.28 18.55 -35.17
C ASP B 418 11.89 18.93 -34.64
N ALA B 419 11.63 18.56 -33.39
CA ALA B 419 10.34 18.81 -32.77
C ALA B 419 10.39 19.74 -31.57
N PRO B 420 10.74 21.02 -31.79
CA PRO B 420 10.81 21.98 -30.68
C PRO B 420 9.45 22.11 -30.00
N GLY B 421 8.41 21.60 -30.64
CA GLY B 421 7.09 21.66 -30.04
C GLY B 421 7.01 20.67 -28.89
N ILE B 422 7.47 19.46 -29.14
CA ILE B 422 7.44 18.43 -28.12
C ILE B 422 8.41 18.75 -26.97
N HIS B 423 9.58 19.29 -27.31
CA HIS B 423 10.58 19.63 -26.30
C HIS B 423 10.20 20.78 -25.35
N PHE B 424 9.72 21.90 -25.88
CA PHE B 424 9.36 23.03 -25.02
C PHE B 424 7.93 23.56 -25.09
N GLY B 425 7.10 23.00 -25.96
CA GLY B 425 5.75 23.51 -26.12
C GLY B 425 4.61 23.08 -25.21
N HIS B 426 4.84 22.13 -24.32
CA HIS B 426 3.76 21.69 -23.43
C HIS B 426 3.29 22.78 -22.49
N THR B 427 1.98 22.99 -22.48
CA THR B 427 1.33 24.01 -21.65
C THR B 427 0.37 23.31 -20.68
N TYR B 428 0.48 23.62 -19.40
CA TYR B 428 -0.40 22.99 -18.40
C TYR B 428 -1.70 23.75 -18.20
N ARG B 429 -2.81 23.00 -18.21
CA ARG B 429 -4.15 23.54 -17.98
C ARG B 429 -4.63 22.88 -16.69
N SER B 430 -4.08 23.30 -15.55
CA SER B 430 -4.46 22.68 -14.29
C SER B 430 -5.17 23.60 -13.31
N SER B 431 -5.38 23.08 -12.11
CA SER B 431 -6.05 23.77 -11.02
C SER B 431 -5.11 24.69 -10.25
N ILE B 432 -3.84 24.67 -10.61
CA ILE B 432 -2.85 25.50 -9.93
C ILE B 432 -2.24 26.50 -10.90
N VAL B 433 -2.91 26.67 -12.04
CA VAL B 433 -2.46 27.59 -13.09
C VAL B 433 -3.62 28.48 -13.55
N CYS B 434 -3.42 29.80 -13.45
CA CYS B 434 -4.43 30.76 -13.89
C CYS B 434 -4.36 30.87 -15.41
N GLY B 435 -5.11 30.02 -16.10
CA GLY B 435 -5.08 30.02 -17.55
C GLY B 435 -5.63 31.26 -18.23
N GLU B 436 -5.33 31.39 -19.52
CA GLU B 436 -5.80 32.50 -20.34
C GLU B 436 -6.64 31.94 -21.48
N PRO B 437 -7.66 32.70 -21.92
CA PRO B 437 -8.56 32.28 -23.00
C PRO B 437 -7.81 31.71 -24.21
N ALA B 442 -1.86 29.48 -32.41
CA ALA B 442 -0.61 28.82 -32.75
C ALA B 442 -0.50 28.65 -34.27
N THR B 443 0.35 29.46 -34.89
CA THR B 443 0.57 29.40 -36.33
C THR B 443 1.34 28.13 -36.71
N GLY B 444 2.09 28.21 -37.81
CA GLY B 444 2.87 27.07 -38.25
C GLY B 444 4.19 26.96 -37.53
N GLY B 445 4.23 26.18 -36.46
CA GLY B 445 5.47 26.03 -35.71
C GLY B 445 5.41 26.65 -34.33
N TRP B 446 6.11 26.02 -33.39
CA TRP B 446 6.15 26.48 -32.01
C TRP B 446 6.92 27.79 -31.83
N ARG B 447 6.35 28.68 -31.04
CA ARG B 447 6.97 29.97 -30.74
C ARG B 447 7.04 30.16 -29.24
N PRO B 448 8.22 30.58 -28.72
CA PRO B 448 8.40 30.80 -27.29
C PRO B 448 7.25 31.61 -26.72
N SER B 449 6.66 31.13 -25.63
CA SER B 449 5.54 31.82 -24.99
C SER B 449 5.66 31.81 -23.48
N ALA B 450 5.34 32.95 -22.87
CA ALA B 450 5.39 33.10 -21.43
C ALA B 450 3.99 33.04 -20.84
N ARG B 451 3.07 32.42 -21.58
CA ARG B 451 1.68 32.27 -21.15
C ARG B 451 1.55 31.25 -20.01
N PRO B 452 0.53 31.43 -19.15
CA PRO B 452 0.29 30.52 -18.03
C PRO B 452 0.32 29.04 -18.41
N GLY B 453 0.95 28.23 -17.55
CA GLY B 453 1.04 26.81 -17.82
C GLY B 453 2.18 26.41 -18.73
N ALA B 454 2.85 27.39 -19.33
CA ALA B 454 3.96 27.15 -20.24
C ALA B 454 5.34 27.38 -19.63
N ARG B 455 6.37 26.89 -20.33
CA ARG B 455 7.76 27.03 -19.91
C ARG B 455 8.20 28.47 -20.16
N ALA B 456 8.66 29.15 -19.12
CA ALA B 456 9.12 30.52 -19.25
C ALA B 456 10.23 30.53 -20.30
N PRO B 457 10.09 31.36 -21.36
CA PRO B 457 11.06 31.48 -22.45
C PRO B 457 12.47 31.93 -22.09
N HIS B 458 13.42 31.49 -22.92
CA HIS B 458 14.82 31.81 -22.76
C HIS B 458 15.24 33.14 -23.41
N ALA B 459 16.23 33.78 -22.81
CA ALA B 459 16.78 35.02 -23.33
C ALA B 459 18.05 35.20 -22.52
N TRP B 460 19.07 35.84 -23.10
CA TRP B 460 20.30 36.06 -22.36
C TRP B 460 20.22 37.39 -21.63
N LEU B 461 20.40 37.36 -20.32
CA LEU B 461 20.40 38.58 -19.52
C LEU B 461 21.80 39.14 -19.71
N THR B 462 22.71 38.20 -19.90
CA THR B 462 24.13 38.45 -20.08
C THR B 462 24.61 37.35 -21.01
N PRO B 463 25.70 37.59 -21.75
CA PRO B 463 26.18 36.53 -22.65
C PRO B 463 26.36 35.18 -21.95
N THR B 464 26.55 35.22 -20.63
CA THR B 464 26.76 34.01 -19.87
C THR B 464 25.61 33.56 -18.96
N THR B 465 24.61 34.42 -18.78
CA THR B 465 23.49 34.05 -17.93
C THR B 465 22.16 34.20 -18.66
N SER B 466 21.38 33.12 -18.65
CA SER B 466 20.07 33.08 -19.29
C SER B 466 18.97 33.27 -18.25
N THR B 467 17.77 33.62 -18.70
CA THR B 467 16.65 33.78 -17.79
C THR B 467 16.40 32.46 -17.04
N LEU B 468 16.60 31.35 -17.74
CA LEU B 468 16.42 30.03 -17.16
C LEU B 468 17.30 29.80 -15.94
N ASP B 469 18.41 30.52 -15.84
CA ASP B 469 19.30 30.38 -14.69
C ASP B 469 18.68 31.02 -13.44
N LEU B 470 17.58 31.75 -13.63
CA LEU B 470 16.89 32.41 -12.52
C LEU B 470 15.88 31.49 -11.85
N PHE B 471 15.41 30.48 -12.57
CA PHE B 471 14.41 29.56 -12.04
C PHE B 471 15.03 28.26 -11.55
N GLY B 472 14.28 27.49 -10.76
CA GLY B 472 14.79 26.22 -10.27
C GLY B 472 14.73 26.03 -8.76
N ARG B 473 14.64 27.12 -8.02
CA ARG B 473 14.57 27.05 -6.57
C ARG B 473 13.15 27.30 -6.05
N GLY B 474 12.88 28.51 -5.59
CA GLY B 474 11.53 28.80 -5.13
C GLY B 474 10.74 29.43 -6.25
N PHE B 475 9.68 30.16 -5.92
CA PHE B 475 8.89 30.83 -6.96
C PHE B 475 9.67 32.09 -7.29
N VAL B 476 9.46 32.63 -8.49
CA VAL B 476 10.15 33.87 -8.90
C VAL B 476 9.17 34.82 -9.56
N LEU B 477 9.26 36.10 -9.18
CA LEU B 477 8.41 37.13 -9.77
C LEU B 477 9.24 38.06 -10.66
N LEU B 478 8.94 38.05 -11.96
CA LEU B 478 9.64 38.90 -12.90
C LEU B 478 8.89 40.21 -13.10
N SER B 479 9.56 41.31 -12.79
CA SER B 479 8.98 42.65 -12.95
C SER B 479 9.77 43.44 -13.97
N PHE B 480 9.12 43.79 -15.07
CA PHE B 480 9.77 44.55 -16.15
C PHE B 480 9.56 46.04 -15.99
N GLY B 481 8.33 46.42 -15.63
CA GLY B 481 8.03 47.82 -15.47
C GLY B 481 8.16 48.30 -14.04
N THR B 482 7.05 48.76 -13.50
CA THR B 482 6.98 49.27 -12.14
C THR B 482 7.24 48.18 -11.11
N THR B 483 7.93 48.53 -10.04
CA THR B 483 8.19 47.57 -8.96
C THR B 483 7.25 47.97 -7.83
N ASP B 484 6.07 48.41 -8.23
CA ASP B 484 5.03 48.85 -7.30
C ASP B 484 4.04 47.71 -7.06
N GLY B 485 3.81 47.40 -5.79
CA GLY B 485 2.89 46.33 -5.45
C GLY B 485 3.62 45.00 -5.34
N VAL B 486 4.95 45.07 -5.37
CA VAL B 486 5.77 43.87 -5.28
C VAL B 486 6.03 43.52 -3.82
N GLU B 487 6.17 44.55 -2.99
CA GLU B 487 6.42 44.34 -1.57
C GLU B 487 5.18 43.69 -0.94
N ALA B 488 4.03 43.93 -1.55
CA ALA B 488 2.79 43.35 -1.06
C ALA B 488 2.72 41.87 -1.43
N VAL B 489 3.33 41.52 -2.57
CA VAL B 489 3.37 40.13 -3.02
C VAL B 489 4.36 39.39 -2.11
N THR B 490 5.48 40.02 -1.84
CA THR B 490 6.52 39.46 -0.98
C THR B 490 5.92 39.11 0.38
N ARG B 491 4.88 39.85 0.77
CA ARG B 491 4.21 39.64 2.05
C ARG B 491 3.34 38.40 2.01
N ALA B 492 2.52 38.31 0.98
CA ALA B 492 1.62 37.18 0.81
C ALA B 492 2.42 35.87 0.92
N PHE B 493 3.42 35.73 0.07
CA PHE B 493 4.26 34.54 0.07
C PHE B 493 4.89 34.23 1.43
N ALA B 494 5.40 35.26 2.10
CA ALA B 494 6.03 35.05 3.40
C ALA B 494 5.01 34.54 4.44
N ASP B 495 3.78 35.06 4.38
CA ASP B 495 2.74 34.65 5.31
C ASP B 495 2.36 33.17 5.21
N ARG B 496 2.53 32.58 4.03
CA ARG B 496 2.24 31.16 3.83
C ARG B 496 3.56 30.41 3.84
N HIS B 497 4.64 31.15 4.09
CA HIS B 497 5.99 30.60 4.12
C HIS B 497 6.38 29.98 2.78
N VAL B 498 5.90 30.59 1.70
CA VAL B 498 6.21 30.11 0.37
C VAL B 498 7.44 30.86 -0.13
N PRO B 499 8.56 30.15 -0.38
CA PRO B 499 9.75 30.86 -0.85
C PRO B 499 9.47 31.58 -2.18
N LEU B 500 10.00 32.80 -2.28
CA LEU B 500 9.82 33.63 -3.46
C LEU B 500 11.00 34.58 -3.61
N GLU B 501 11.39 34.80 -4.86
CA GLU B 501 12.47 35.73 -5.17
C GLU B 501 11.91 36.70 -6.20
N THR B 502 12.40 37.93 -6.17
CA THR B 502 11.91 38.92 -7.11
C THR B 502 13.06 39.49 -7.94
N VAL B 503 12.83 39.57 -9.24
CA VAL B 503 13.84 40.10 -10.14
C VAL B 503 13.28 41.28 -10.94
N THR B 504 14.07 42.34 -11.02
CA THR B 504 13.69 43.54 -11.76
C THR B 504 14.51 43.58 -13.04
N CYS B 505 13.85 43.47 -14.18
CA CYS B 505 14.54 43.50 -15.45
C CYS B 505 14.17 44.74 -16.26
N HIS B 506 15.20 45.49 -16.69
CA HIS B 506 14.97 46.70 -17.47
C HIS B 506 15.34 46.52 -18.95
N ALA B 507 15.39 45.27 -19.40
CA ALA B 507 15.72 44.99 -20.80
C ALA B 507 14.39 44.90 -21.55
N PRO B 508 14.20 45.78 -22.57
CA PRO B 508 12.97 45.81 -23.37
C PRO B 508 12.77 44.56 -24.24
N GLU B 509 13.85 44.04 -24.79
CA GLU B 509 13.79 42.84 -25.63
C GLU B 509 13.10 41.69 -24.91
N ILE B 510 13.47 41.51 -23.64
CA ILE B 510 12.90 40.44 -22.81
C ILE B 510 11.46 40.77 -22.40
N HIS B 511 11.20 42.04 -22.12
CA HIS B 511 9.86 42.48 -21.75
C HIS B 511 8.90 42.10 -22.87
N ALA B 512 9.32 42.37 -24.10
CA ALA B 512 8.51 42.07 -25.26
C ALA B 512 8.24 40.56 -25.33
N LEU B 513 9.26 39.76 -25.02
CA LEU B 513 9.10 38.31 -25.07
C LEU B 513 8.07 37.82 -24.07
N TYR B 514 8.17 38.29 -22.83
CA TYR B 514 7.23 37.87 -21.80
C TYR B 514 5.85 38.53 -21.88
N GLU B 515 5.73 39.56 -22.71
CA GLU B 515 4.48 40.27 -22.96
C GLU B 515 3.72 40.91 -21.77
N ARG B 516 4.21 40.78 -20.55
CA ARG B 516 3.53 41.39 -19.40
C ARG B 516 4.52 42.04 -18.44
N ALA B 517 4.01 42.93 -17.60
CA ALA B 517 4.85 43.63 -16.65
C ALA B 517 5.27 42.72 -15.50
N HIS B 518 4.36 41.83 -15.10
CA HIS B 518 4.62 40.91 -14.01
C HIS B 518 4.40 39.46 -14.39
N VAL B 519 5.36 38.61 -14.04
CA VAL B 519 5.26 37.19 -14.34
C VAL B 519 5.68 36.37 -13.13
N LEU B 520 4.84 35.41 -12.77
CA LEU B 520 5.17 34.53 -11.65
C LEU B 520 5.58 33.16 -12.20
N VAL B 521 6.84 32.79 -11.96
CA VAL B 521 7.36 31.51 -12.42
C VAL B 521 7.48 30.52 -11.26
N ARG B 522 6.90 29.34 -11.44
CA ARG B 522 6.93 28.30 -10.42
C ARG B 522 8.33 27.70 -10.31
N PRO B 523 8.59 26.96 -9.22
CA PRO B 523 9.89 26.32 -9.00
C PRO B 523 10.33 25.42 -10.16
N ASP B 524 9.40 25.00 -11.01
CA ASP B 524 9.78 24.11 -12.12
C ASP B 524 10.12 24.86 -13.41
N GLY B 525 10.03 26.18 -13.37
CA GLY B 525 10.35 26.95 -14.56
C GLY B 525 9.17 27.28 -15.44
N HIS B 526 8.00 26.75 -15.10
CA HIS B 526 6.79 27.04 -15.87
C HIS B 526 6.06 28.25 -15.26
N VAL B 527 5.29 28.95 -16.09
CA VAL B 527 4.56 30.13 -15.63
C VAL B 527 3.22 29.85 -14.95
N ALA B 528 3.05 30.44 -13.77
CA ALA B 528 1.85 30.27 -12.97
C ALA B 528 0.81 31.35 -13.23
N TRP B 529 1.26 32.60 -13.22
CA TRP B 529 0.39 33.75 -13.42
C TRP B 529 1.17 34.91 -14.04
N ARG B 530 0.48 35.73 -14.83
CA ARG B 530 1.13 36.89 -15.42
C ARG B 530 0.08 37.95 -15.70
N GLY B 531 0.50 39.20 -15.72
CA GLY B 531 -0.44 40.27 -15.98
C GLY B 531 0.23 41.61 -15.77
N ASP B 532 -0.39 42.68 -16.25
CA ASP B 532 0.19 43.99 -16.08
C ASP B 532 -0.06 44.55 -14.68
N HIS B 533 -1.07 44.02 -13.99
CA HIS B 533 -1.36 44.48 -12.63
C HIS B 533 -1.62 43.35 -11.64
N LEU B 534 -0.95 43.40 -10.50
CA LEU B 534 -1.09 42.39 -9.46
C LEU B 534 -2.50 42.41 -8.87
N PRO B 535 -3.14 41.23 -8.76
CA PRO B 535 -4.49 41.16 -8.21
C PRO B 535 -4.57 41.68 -6.76
N ALA B 536 -5.78 41.77 -6.23
CA ALA B 536 -5.98 42.26 -4.87
C ALA B 536 -5.88 41.15 -3.82
N GLU B 537 -6.42 39.98 -4.13
CA GLU B 537 -6.38 38.86 -3.20
C GLU B 537 -5.10 38.04 -3.37
N LEU B 538 -3.97 38.65 -3.01
CA LEU B 538 -2.68 37.99 -3.13
C LEU B 538 -2.70 36.63 -2.44
N GLY B 539 -3.43 36.54 -1.33
CA GLY B 539 -3.52 35.28 -0.62
C GLY B 539 -4.19 34.24 -1.48
N GLY B 540 -5.35 34.59 -2.04
CA GLY B 540 -6.07 33.67 -2.89
C GLY B 540 -5.17 33.08 -3.94
N LEU B 541 -4.26 33.89 -4.47
CA LEU B 541 -3.33 33.45 -5.51
C LEU B 541 -2.28 32.47 -4.97
N VAL B 542 -1.60 32.86 -3.89
CA VAL B 542 -0.59 32.02 -3.28
C VAL B 542 -1.14 30.62 -2.94
N ASP B 543 -2.42 30.58 -2.55
CA ASP B 543 -3.05 29.33 -2.20
C ASP B 543 -3.45 28.59 -3.47
N LYS B 544 -3.65 29.35 -4.53
CA LYS B 544 -4.02 28.79 -5.84
C LYS B 544 -2.83 28.03 -6.41
N VAL B 545 -1.71 28.74 -6.51
CA VAL B 545 -0.49 28.18 -7.07
C VAL B 545 0.22 27.17 -6.16
N ARG B 546 -0.15 27.12 -4.88
CA ARG B 546 0.48 26.15 -3.99
C ARG B 546 -0.38 24.90 -3.80
N GLY B 547 -1.54 24.88 -4.44
CA GLY B 547 -2.43 23.72 -4.36
C GLY B 547 -3.35 23.62 -3.16
N ALA B 548 -3.80 24.76 -2.65
CA ALA B 548 -4.71 24.78 -1.51
C ALA B 548 -6.08 25.30 -1.94
N ALA B 549 -6.41 25.05 -3.21
CA ALA B 549 -7.68 25.49 -3.78
C ALA B 549 -8.05 26.89 -3.31
#